data_3L0Z
#
_entry.id   3L0Z
#
_cell.length_a   119.305
_cell.length_b   119.305
_cell.length_c   170.105
_cell.angle_alpha   90.00
_cell.angle_beta   90.00
_cell.angle_gamma   120.00
#
_symmetry.space_group_name_H-M   'P 31 2 1'
#
loop_
_entity.id
_entity.type
_entity.pdbx_description
1 polymer 'putative Nicotinate-nucleotide-dimethylbenzimidazole phosphoribosyltransferase'
2 non-polymer 'PHOSPHATE ION'
3 water water
#
_entity_poly.entity_id   1
_entity_poly.type   'polypeptide(L)'
_entity_poly.pdbx_seq_one_letter_code
;(MSE)SIIAINENGFLDKIKGRNPLFTCVISSIETTLSIPISGVHRDVIKYTPSADVELVFYGKSLTLKTPPIDATGSPT
PATITRACVELKNIKNLHIDAGAFVKPKIPFIEIDEKPTGRIEEGKA(MSE)NNSKELY(MSE)KGYLLGKNLDAELLIV
GESVPGGTTTALGVLLGLGYDAEGKVSSGSINNPHELKIKVVREGLKKAGINEKSSVFDVLNAVGDK(MSE)(MSE)PVV
AGLAISFAERNKPVILAGGTQ(MSE)SAVLAVIKEINKKVLDKNLIAIGTTEFVLNDKKGDLKGIVEQIGNVPVLASKFY
FEKAKIEGLKNYCKGSVKEGVGAGGIAVYSIVNDLEPTKIREFIENKFYEWYKE
;
_entity_poly.pdbx_strand_id   A,B,C
#
loop_
_chem_comp.id
_chem_comp.type
_chem_comp.name
_chem_comp.formula
PO4 non-polymer 'PHOSPHATE ION' 'O4 P -3'
#
# COMPACT_ATOMS: atom_id res chain seq x y z
N MSE A 1 -11.10 10.01 -3.84
CA MSE A 1 -11.49 8.76 -4.42
C MSE A 1 -12.79 8.31 -3.80
O MSE A 1 -13.87 8.64 -4.29
CB MSE A 1 -10.41 7.73 -4.18
CG MSE A 1 -10.40 7.23 -2.78
SE MSE A 1 -9.70 5.44 -2.74
CE MSE A 1 -8.18 5.71 -1.57
N SER A 2 -12.70 7.58 -2.70
CA SER A 2 -13.87 7.20 -1.93
C SER A 2 -13.72 7.86 -0.60
N ILE A 3 -12.92 8.89 -0.62
CA ILE A 3 -12.61 9.75 0.54
C ILE A 3 -12.77 11.20 0.08
N ILE A 4 -13.45 12.04 0.83
CA ILE A 4 -13.52 13.48 0.53
C ILE A 4 -12.57 14.28 1.43
N ALA A 5 -11.54 14.88 0.86
CA ALA A 5 -10.53 15.64 1.65
C ALA A 5 -10.61 17.18 1.53
N ILE A 6 -10.71 17.93 2.63
CA ILE A 6 -10.84 19.42 2.56
C ILE A 6 -9.50 20.19 2.67
N ASN A 7 -8.63 19.82 3.57
CA ASN A 7 -7.29 20.43 3.51
C ASN A 7 -6.24 19.35 3.65
N GLU A 8 -6.36 18.31 2.82
CA GLU A 8 -5.45 17.21 2.87
C GLU A 8 -4.10 17.85 2.54
N ASN A 9 -3.27 18.07 3.56
CA ASN A 9 -1.93 18.62 3.32
C ASN A 9 -0.90 17.53 3.67
N GLY A 10 -0.78 16.55 2.79
CA GLY A 10 0.02 15.34 3.04
C GLY A 10 -0.30 14.52 4.27
N PHE A 11 -1.49 14.68 4.83
CA PHE A 11 -1.91 13.87 5.95
C PHE A 11 -2.26 12.44 5.55
N LEU A 12 -2.97 12.25 4.44
CA LEU A 12 -3.32 10.90 4.04
C LEU A 12 -2.06 10.02 3.88
N ASP A 13 -0.93 10.60 3.47
CA ASP A 13 0.33 9.83 3.32
C ASP A 13 0.86 9.43 4.70
N LYS A 14 0.53 10.25 5.71
CA LYS A 14 0.83 9.97 7.11
C LYS A 14 0.03 8.85 7.75
N ILE A 15 -1.18 8.54 7.31
CA ILE A 15 -1.87 7.40 7.93
C ILE A 15 -1.81 6.08 7.12
N LYS A 16 -1.05 6.06 6.04
CA LYS A 16 -1.03 4.93 5.15
C LYS A 16 -0.07 3.91 5.73
N GLY A 17 -0.48 2.65 5.78
CA GLY A 17 0.39 1.61 6.30
C GLY A 17 0.73 1.69 7.79
N ARG A 18 0.26 2.68 8.51
CA ARG A 18 0.55 2.71 9.91
C ARG A 18 -0.43 1.84 10.72
N ASN A 19 0.06 1.36 11.85
CA ASN A 19 -0.61 0.52 12.83
C ASN A 19 -1.52 1.32 13.76
N PRO A 20 -2.83 1.10 13.73
CA PRO A 20 -3.70 1.95 14.52
C PRO A 20 -4.11 1.34 15.82
N LEU A 21 -4.49 2.17 16.76
CA LEU A 21 -5.35 1.72 17.87
C LEU A 21 -6.62 2.53 17.76
N PHE A 22 -7.77 1.86 17.85
CA PHE A 22 -9.04 2.59 17.86
C PHE A 22 -9.62 2.59 19.25
N THR A 23 -10.10 3.74 19.69
CA THR A 23 -10.81 3.81 20.94
C THR A 23 -12.03 4.73 20.84
N CYS A 24 -13.08 4.39 21.57
CA CYS A 24 -14.28 5.19 21.61
C CYS A 24 -14.49 5.61 23.03
N VAL A 25 -14.75 6.88 23.24
CA VAL A 25 -14.88 7.41 24.59
C VAL A 25 -16.34 7.64 24.84
N ILE A 26 -16.92 6.96 25.82
CA ILE A 26 -18.37 7.09 26.02
C ILE A 26 -18.69 7.96 27.23
N SER A 27 -19.80 8.71 27.15
CA SER A 27 -20.28 9.50 28.26
C SER A 27 -21.78 9.65 28.17
N SER A 28 -22.39 9.96 29.31
CA SER A 28 -23.75 10.32 29.39
C SER A 28 -23.89 11.74 29.94
N ILE A 29 -25.03 12.36 29.62
CA ILE A 29 -25.36 13.71 30.04
C ILE A 29 -26.67 13.75 30.84
N GLU A 30 -26.61 14.23 32.07
CA GLU A 30 -27.77 14.23 32.98
C GLU A 30 -28.98 14.97 32.41
N THR A 31 -28.77 16.13 31.78
CA THR A 31 -29.84 16.84 31.10
C THR A 31 -30.76 15.92 30.28
N THR A 32 -30.09 15.18 29.41
CA THR A 32 -30.65 14.18 28.54
C THR A 32 -31.76 13.28 29.13
N LEU A 33 -31.73 13.02 30.45
CA LEU A 33 -32.79 12.22 31.11
C LEU A 33 -34.08 12.97 31.39
N SER A 34 -34.04 14.30 31.34
CA SER A 34 -35.22 15.10 31.61
C SER A 34 -35.58 15.97 30.47
N ILE A 35 -34.68 16.16 29.51
CA ILE A 35 -34.91 17.12 28.43
C ILE A 35 -34.58 16.47 27.12
N PRO A 36 -35.52 16.51 26.17
CA PRO A 36 -35.28 15.74 24.96
C PRO A 36 -34.39 16.47 23.99
N ILE A 37 -33.15 16.76 24.40
CA ILE A 37 -32.17 17.39 23.49
C ILE A 37 -31.57 16.39 22.52
N SER A 38 -31.62 15.11 22.86
CA SER A 38 -31.08 14.08 21.94
C SER A 38 -32.14 13.25 21.22
N GLY A 39 -31.71 12.62 20.13
CA GLY A 39 -32.59 11.74 19.38
C GLY A 39 -32.70 10.36 19.94
N VAL A 40 -31.79 9.95 20.83
CA VAL A 40 -31.94 8.62 21.44
C VAL A 40 -33.10 8.61 22.45
N HIS A 41 -34.01 7.66 22.28
CA HIS A 41 -35.19 7.56 23.11
C HIS A 41 -34.78 7.42 24.56
N ARG A 42 -35.43 8.20 25.43
CA ARG A 42 -35.24 8.11 26.86
C ARG A 42 -35.20 6.69 27.41
N ASP A 43 -36.00 5.82 26.85
CA ASP A 43 -36.14 4.46 27.38
C ASP A 43 -34.91 3.64 27.19
N VAL A 44 -33.99 4.11 26.36
CA VAL A 44 -32.84 3.30 26.05
C VAL A 44 -31.52 4.12 26.07
N ILE A 45 -31.63 5.43 26.27
CA ILE A 45 -30.50 6.33 26.27
C ILE A 45 -29.43 5.95 27.30
N LYS A 46 -29.82 5.49 28.48
CA LYS A 46 -28.81 5.11 29.45
C LYS A 46 -27.92 4.00 28.97
N TYR A 47 -28.46 3.11 28.14
CA TYR A 47 -27.79 1.89 27.75
C TYR A 47 -27.08 2.01 26.44
N THR A 48 -27.29 3.10 25.72
CA THR A 48 -26.85 3.19 24.35
C THR A 48 -25.32 3.18 24.13
N PRO A 49 -24.59 3.94 24.93
CA PRO A 49 -23.17 4.00 24.61
C PRO A 49 -22.41 2.69 24.88
N SER A 50 -22.71 2.03 25.98
CA SER A 50 -22.09 0.76 26.27
C SER A 50 -22.42 -0.26 25.23
N ALA A 51 -23.69 -0.30 24.86
CA ALA A 51 -24.12 -1.23 23.86
C ALA A 51 -23.32 -1.02 22.59
N ASP A 52 -23.12 0.24 22.20
CA ASP A 52 -22.25 0.53 21.04
C ASP A 52 -20.81 -0.07 21.06
N VAL A 53 -20.11 0.14 22.17
CA VAL A 53 -18.75 -0.25 22.24
C VAL A 53 -18.67 -1.73 22.47
N GLU A 54 -19.72 -2.30 23.03
CA GLU A 54 -19.77 -3.78 23.19
C GLU A 54 -19.77 -4.44 21.80
N LEU A 55 -20.53 -3.86 20.89
CA LEU A 55 -20.68 -4.39 19.56
C LEU A 55 -19.32 -4.27 18.90
N VAL A 56 -18.66 -3.14 19.08
CA VAL A 56 -17.38 -2.98 18.43
C VAL A 56 -16.35 -3.99 18.96
N PHE A 57 -16.23 -4.08 20.27
CA PHE A 57 -15.27 -4.93 20.91
C PHE A 57 -15.60 -6.39 20.88
N TYR A 58 -16.86 -6.73 20.98
CA TYR A 58 -17.19 -8.10 21.22
C TYR A 58 -18.02 -8.68 20.13
N GLY A 59 -18.68 -7.86 19.36
CA GLY A 59 -19.47 -8.42 18.31
C GLY A 59 -20.94 -8.42 18.60
N LYS A 60 -21.32 -8.15 19.81
CA LYS A 60 -22.70 -7.89 20.07
C LYS A 60 -22.85 -7.18 21.38
N SER A 61 -23.89 -6.39 21.48
CA SER A 61 -24.29 -5.73 22.74
C SER A 61 -24.68 -6.75 23.79
N LEU A 62 -24.46 -6.41 25.05
CA LEU A 62 -24.68 -7.37 26.07
C LEU A 62 -25.58 -6.85 27.14
N THR A 63 -25.75 -5.54 27.28
CA THR A 63 -26.77 -5.06 28.20
C THR A 63 -28.09 -5.00 27.42
N LEU A 64 -28.07 -4.34 26.25
CA LEU A 64 -29.15 -4.44 25.29
C LEU A 64 -28.87 -5.67 24.47
N LYS A 65 -29.91 -6.48 24.31
CA LYS A 65 -29.84 -7.74 23.62
C LYS A 65 -30.40 -7.59 22.25
N THR A 66 -30.94 -6.43 21.93
CA THR A 66 -31.57 -6.23 20.64
C THR A 66 -30.56 -5.87 19.60
N PRO A 67 -30.98 -5.82 18.35
CA PRO A 67 -30.08 -5.64 17.22
C PRO A 67 -29.67 -4.20 16.98
N PRO A 68 -28.67 -3.96 16.14
CA PRO A 68 -28.21 -2.58 15.92
C PRO A 68 -29.21 -1.79 15.08
N ILE A 69 -30.23 -1.22 15.71
CA ILE A 69 -31.24 -0.44 15.02
C ILE A 69 -31.83 0.63 15.92
N ASP A 70 -32.08 1.81 15.37
CA ASP A 70 -32.64 2.91 16.12
C ASP A 70 -34.08 3.18 15.68
N ALA A 71 -34.76 4.13 16.32
CA ALA A 71 -36.04 4.62 15.77
C ALA A 71 -35.68 4.97 14.38
N THR A 72 -36.60 4.85 13.45
CA THR A 72 -36.25 4.98 12.02
C THR A 72 -35.73 3.69 11.42
N GLY A 73 -35.34 2.75 12.26
CA GLY A 73 -34.98 1.44 11.77
C GLY A 73 -33.60 1.38 11.20
N SER A 74 -32.79 2.40 11.47
CA SER A 74 -31.45 2.48 10.90
C SER A 74 -30.38 1.74 11.75
N PRO A 75 -29.55 0.92 11.08
CA PRO A 75 -28.41 0.36 11.81
C PRO A 75 -27.58 1.47 12.37
N THR A 76 -27.25 1.31 13.63
CA THR A 76 -26.49 2.25 14.34
C THR A 76 -25.05 2.20 13.81
N PRO A 77 -24.34 3.31 13.90
CA PRO A 77 -23.07 3.37 13.25
C PRO A 77 -22.00 2.44 13.83
N ALA A 78 -22.23 1.85 14.99
CA ALA A 78 -21.30 0.86 15.52
C ALA A 78 -21.17 -0.34 14.56
N THR A 79 -22.22 -0.58 13.76
CA THR A 79 -22.14 -1.66 12.78
C THR A 79 -21.01 -1.33 11.78
N ILE A 80 -20.85 -0.06 11.43
CA ILE A 80 -19.78 0.30 10.55
C ILE A 80 -18.42 0.15 11.23
N THR A 81 -18.37 0.54 12.50
CA THR A 81 -17.10 0.58 13.17
C THR A 81 -16.67 -0.85 13.31
N ARG A 82 -17.59 -1.71 13.73
CA ARG A 82 -17.27 -3.14 13.88
C ARG A 82 -16.77 -3.76 12.59
N ALA A 83 -17.44 -3.49 11.49
CA ALA A 83 -17.08 -3.96 10.19
C ALA A 83 -15.61 -3.68 9.95
N CYS A 84 -15.21 -2.45 10.23
CA CYS A 84 -13.85 -2.02 9.95
C CYS A 84 -12.87 -2.75 10.88
N VAL A 85 -13.29 -2.88 12.13
CA VAL A 85 -12.45 -3.52 13.12
C VAL A 85 -12.19 -4.96 12.72
N GLU A 86 -13.20 -5.62 12.19
CA GLU A 86 -13.05 -6.98 11.80
C GLU A 86 -12.35 -7.12 10.46
N LEU A 87 -12.65 -6.28 9.48
CA LEU A 87 -12.03 -6.41 8.17
C LEU A 87 -10.61 -5.90 8.15
N LYS A 88 -10.27 -4.94 9.01
CA LYS A 88 -8.88 -4.44 9.03
C LYS A 88 -8.11 -4.84 10.26
N ASN A 89 -8.64 -5.72 11.10
CA ASN A 89 -7.88 -6.29 12.24
C ASN A 89 -7.43 -5.17 13.19
N ILE A 90 -8.29 -4.21 13.45
CA ILE A 90 -7.92 -3.08 14.22
C ILE A 90 -8.16 -3.35 15.70
N LYS A 91 -7.09 -3.49 16.46
CA LYS A 91 -7.15 -3.51 17.91
C LYS A 91 -7.91 -2.31 18.40
N ASN A 92 -8.66 -2.47 19.47
CA ASN A 92 -9.52 -1.44 19.96
C ASN A 92 -9.73 -1.59 21.46
N LEU A 93 -9.78 -0.47 22.14
CA LEU A 93 -10.03 -0.44 23.56
C LEU A 93 -10.81 0.82 23.91
N HIS A 94 -11.85 0.69 24.69
CA HIS A 94 -12.76 1.78 24.86
C HIS A 94 -12.75 2.35 26.29
N ILE A 95 -13.16 3.60 26.35
CA ILE A 95 -13.00 4.42 27.52
C ILE A 95 -14.34 4.95 28.03
N ASP A 96 -14.53 4.87 29.34
CA ASP A 96 -15.74 5.39 29.98
C ASP A 96 -15.41 6.68 30.67
N ALA A 97 -16.06 7.74 30.23
CA ALA A 97 -16.04 9.02 30.92
C ALA A 97 -17.44 9.38 31.32
N GLY A 98 -18.11 8.48 32.03
CA GLY A 98 -19.42 8.80 32.67
C GLY A 98 -20.69 8.21 32.11
N ALA A 99 -20.62 7.10 31.38
CA ALA A 99 -21.84 6.42 30.89
C ALA A 99 -22.74 6.03 32.01
N PHE A 100 -24.05 6.25 31.90
CA PHE A 100 -24.97 5.86 33.01
C PHE A 100 -24.85 4.41 33.35
N VAL A 101 -24.70 3.57 32.33
CA VAL A 101 -24.58 2.12 32.53
C VAL A 101 -23.28 1.71 31.89
N LYS A 102 -22.46 1.04 32.68
CA LYS A 102 -21.11 0.70 32.25
C LYS A 102 -21.11 -0.53 31.33
N PRO A 103 -20.10 -0.66 30.47
CA PRO A 103 -19.99 -1.80 29.61
C PRO A 103 -19.70 -3.10 30.34
N LYS A 104 -20.09 -4.21 29.71
CA LYS A 104 -19.75 -5.55 30.23
C LYS A 104 -18.53 -6.19 29.56
N ILE A 105 -17.94 -5.48 28.60
CA ILE A 105 -16.62 -5.81 28.11
C ILE A 105 -15.66 -5.03 28.94
N PRO A 106 -14.41 -5.44 28.94
CA PRO A 106 -13.33 -4.66 29.51
C PRO A 106 -13.26 -3.29 28.89
N PHE A 107 -13.10 -2.29 29.72
CA PHE A 107 -13.07 -0.95 29.26
C PHE A 107 -12.16 -0.18 30.21
N ILE A 108 -11.70 0.99 29.78
CA ILE A 108 -10.89 1.77 30.67
C ILE A 108 -11.82 2.69 31.40
N GLU A 109 -11.91 2.55 32.74
CA GLU A 109 -12.63 3.53 33.56
C GLU A 109 -11.79 4.78 33.82
N ILE A 110 -12.27 5.94 33.43
CA ILE A 110 -11.57 7.20 33.66
C ILE A 110 -12.34 8.09 34.64
N ASP A 111 -13.63 8.25 34.40
CA ASP A 111 -14.54 8.88 35.40
C ASP A 111 -15.85 8.11 35.41
N GLU A 112 -16.28 7.67 36.58
CA GLU A 112 -17.50 6.89 36.66
C GLU A 112 -18.77 7.74 36.71
N LYS A 113 -18.66 8.99 37.13
CA LYS A 113 -19.82 9.89 37.25
C LYS A 113 -20.18 10.51 35.88
N PRO A 114 -21.48 10.59 35.60
CA PRO A 114 -21.91 11.23 34.37
C PRO A 114 -21.59 12.68 34.28
N THR A 115 -21.66 13.23 33.08
CA THR A 115 -21.59 14.66 32.86
C THR A 115 -22.86 15.21 33.43
N GLY A 116 -22.82 16.40 34.01
CA GLY A 116 -23.93 16.91 34.81
C GLY A 116 -24.99 17.70 34.05
N ARG A 117 -25.68 18.61 34.75
CA ARG A 117 -26.76 19.37 34.14
C ARG A 117 -26.28 20.59 33.34
N ILE A 118 -26.33 20.47 32.02
CA ILE A 118 -25.79 21.47 31.14
C ILE A 118 -26.52 22.81 31.27
N GLU A 119 -27.84 22.79 31.37
CA GLU A 119 -28.59 24.03 31.53
C GLU A 119 -28.28 24.76 32.85
N GLU A 120 -27.73 24.04 33.83
CA GLU A 120 -27.37 24.64 35.11
C GLU A 120 -25.91 25.08 35.17
N GLY A 121 -25.23 24.98 34.03
CA GLY A 121 -23.80 25.35 33.90
C GLY A 121 -22.89 24.53 34.78
N LYS A 122 -23.33 23.32 35.14
CA LYS A 122 -22.51 22.42 35.91
C LYS A 122 -22.25 21.06 35.22
N ALA A 123 -21.68 21.09 34.01
CA ALA A 123 -21.35 19.85 33.27
C ALA A 123 -20.38 19.02 34.10
N MSE A 124 -19.35 19.69 34.63
CA MSE A 124 -18.33 19.02 35.41
C MSE A 124 -17.47 19.96 36.23
O MSE A 124 -17.42 21.16 36.01
CB MSE A 124 -17.45 18.19 34.46
CG MSE A 124 -16.56 19.04 33.57
SE MSE A 124 -15.85 18.16 31.98
CE MSE A 124 -17.54 17.99 30.97
N ASN A 125 -16.74 19.35 37.16
CA ASN A 125 -15.68 19.97 38.01
C ASN A 125 -14.23 20.01 37.55
N ASN A 126 -13.89 19.09 36.67
CA ASN A 126 -12.53 18.62 36.58
C ASN A 126 -12.12 18.44 35.11
N SER A 127 -12.49 19.40 34.26
CA SER A 127 -12.14 19.26 32.85
C SER A 127 -10.61 19.19 32.71
N LYS A 128 -9.90 19.89 33.59
CA LYS A 128 -8.45 19.87 33.57
C LYS A 128 -7.90 18.50 33.99
N GLU A 129 -8.46 17.93 35.06
CA GLU A 129 -8.07 16.59 35.47
C GLU A 129 -8.36 15.56 34.38
N LEU A 130 -9.55 15.66 33.81
CA LEU A 130 -9.95 14.68 32.80
C LEU A 130 -8.98 14.82 31.66
N TYR A 131 -8.67 16.06 31.29
CA TYR A 131 -7.68 16.27 30.25
C TYR A 131 -6.38 15.58 30.58
N MSE A 132 -5.92 15.74 31.80
CA MSE A 132 -4.65 15.14 32.23
C MSE A 132 -4.76 13.62 32.33
O MSE A 132 -3.85 12.89 32.00
CB MSE A 132 -4.20 15.75 33.54
CG MSE A 132 -3.77 17.22 33.40
SE MSE A 132 -2.16 17.47 32.30
CE MSE A 132 -1.22 15.79 32.85
N LYS A 133 -5.90 13.14 32.81
CA LYS A 133 -6.12 11.72 32.89
C LYS A 133 -6.00 11.12 31.45
N GLY A 134 -6.53 11.83 30.48
CA GLY A 134 -6.45 11.40 29.12
C GLY A 134 -5.07 11.49 28.54
N TYR A 135 -4.36 12.57 28.84
CA TYR A 135 -2.97 12.74 28.42
C TYR A 135 -2.04 11.61 28.92
N LEU A 136 -2.11 11.35 30.21
CA LEU A 136 -1.28 10.33 30.82
C LEU A 136 -1.62 8.96 30.30
N LEU A 137 -2.91 8.68 30.08
CA LEU A 137 -3.31 7.41 29.50
C LEU A 137 -2.68 7.24 28.13
N GLY A 138 -2.72 8.30 27.35
CA GLY A 138 -2.21 8.25 25.98
C GLY A 138 -0.74 7.86 25.91
N LYS A 139 0.06 8.31 26.87
CA LYS A 139 1.46 7.88 26.95
C LYS A 139 1.62 6.39 27.05
N ASN A 140 0.66 5.72 27.71
CA ASN A 140 0.80 4.28 27.87
C ASN A 140 0.17 3.45 26.79
N LEU A 141 -0.32 4.12 25.76
CA LEU A 141 -0.98 3.44 24.65
C LEU A 141 0.01 3.45 23.52
N ASP A 142 0.33 2.28 23.00
CA ASP A 142 1.35 2.17 21.99
C ASP A 142 0.71 1.90 20.63
N ALA A 143 0.83 2.84 19.72
CA ALA A 143 0.34 2.62 18.35
C ALA A 143 0.98 3.66 17.49
N GLU A 144 1.10 3.39 16.21
CA GLU A 144 1.67 4.37 15.29
C GLU A 144 0.67 5.45 14.91
N LEU A 145 -0.62 5.19 15.17
CA LEU A 145 -1.71 6.11 14.85
C LEU A 145 -2.81 5.85 15.83
N LEU A 146 -3.47 6.94 16.26
CA LEU A 146 -4.69 6.86 17.05
C LEU A 146 -5.98 7.26 16.26
N ILE A 147 -7.01 6.41 16.32
CA ILE A 147 -8.34 6.74 15.84
C ILE A 147 -9.26 6.81 17.07
N VAL A 148 -9.62 8.02 17.45
CA VAL A 148 -10.37 8.20 18.67
C VAL A 148 -11.77 8.66 18.35
N GLY A 149 -12.74 7.83 18.76
CA GLY A 149 -14.15 8.07 18.47
C GLY A 149 -14.93 8.36 19.74
N GLU A 150 -16.22 8.53 19.61
CA GLU A 150 -17.04 8.96 20.71
C GLU A 150 -18.43 8.33 20.65
N SER A 151 -19.11 8.26 21.78
CA SER A 151 -20.50 7.94 21.74
C SER A 151 -21.16 8.60 22.93
N VAL A 152 -21.62 9.81 22.72
CA VAL A 152 -22.30 10.54 23.78
C VAL A 152 -23.62 11.16 23.28
N PRO A 153 -24.73 10.57 23.77
CA PRO A 153 -26.03 11.05 23.43
C PRO A 153 -26.30 12.42 24.04
N GLY A 154 -26.68 13.39 23.21
CA GLY A 154 -26.76 14.77 23.64
C GLY A 154 -25.46 15.53 23.40
N GLY A 155 -24.48 14.81 22.90
CA GLY A 155 -23.20 15.38 22.63
C GLY A 155 -23.30 16.51 21.62
N THR A 156 -24.33 16.49 20.77
CA THR A 156 -24.48 17.58 19.81
C THR A 156 -24.90 18.84 20.51
N THR A 157 -25.45 18.78 21.72
CA THR A 157 -25.76 20.04 22.36
C THR A 157 -24.60 20.61 23.13
N THR A 158 -23.87 19.77 23.82
CA THR A 158 -22.60 20.22 24.39
C THR A 158 -21.58 20.69 23.34
N ALA A 159 -21.49 20.04 22.17
CA ALA A 159 -20.62 20.59 21.12
C ALA A 159 -21.04 22.04 20.74
N LEU A 160 -22.35 22.25 20.56
CA LEU A 160 -22.84 23.60 20.33
C LEU A 160 -22.40 24.55 21.45
N GLY A 161 -22.66 24.19 22.70
CA GLY A 161 -22.32 25.06 23.82
C GLY A 161 -20.84 25.43 23.97
N VAL A 162 -19.98 24.46 23.77
CA VAL A 162 -18.57 24.67 23.98
C VAL A 162 -18.05 25.59 22.89
N LEU A 163 -18.47 25.35 21.66
CA LEU A 163 -18.05 26.22 20.57
C LEU A 163 -18.60 27.64 20.78
N LEU A 164 -19.84 27.74 21.23
CA LEU A 164 -20.40 29.05 21.38
C LEU A 164 -19.66 29.79 22.51
N GLY A 165 -19.43 29.08 23.61
CA GLY A 165 -18.64 29.59 24.72
C GLY A 165 -17.18 29.97 24.43
N LEU A 166 -16.57 29.40 23.40
CA LEU A 166 -15.26 29.88 22.95
C LEU A 166 -15.38 30.96 21.87
N GLY A 167 -16.61 31.38 21.58
CA GLY A 167 -16.85 32.52 20.70
C GLY A 167 -16.85 32.21 19.22
N TYR A 168 -16.91 30.95 18.84
CA TYR A 168 -17.10 30.59 17.43
C TYR A 168 -18.52 30.89 17.00
N ASP A 169 -18.73 31.11 15.70
CA ASP A 169 -20.05 31.15 15.13
C ASP A 169 -20.52 29.75 14.70
N ALA A 170 -21.34 29.13 15.54
CA ALA A 170 -21.72 27.74 15.40
C ALA A 170 -23.24 27.51 15.22
N GLU A 171 -24.01 28.55 15.40
CA GLU A 171 -25.46 28.45 15.57
C GLU A 171 -26.15 27.53 14.61
N GLY A 172 -26.00 27.69 13.31
CA GLY A 172 -26.74 26.74 12.40
C GLY A 172 -25.89 25.58 11.88
N LYS A 173 -24.80 25.30 12.58
CA LYS A 173 -23.72 24.58 11.95
C LYS A 173 -23.49 23.23 12.60
N VAL A 174 -23.73 23.14 13.89
CA VAL A 174 -23.61 21.91 14.65
C VAL A 174 -24.91 21.27 14.35
N SER A 175 -25.04 19.97 14.24
CA SER A 175 -26.39 19.57 13.82
C SER A 175 -27.04 18.61 14.79
N SER A 176 -27.29 17.38 14.34
CA SER A 176 -27.97 16.37 15.13
C SER A 176 -27.80 15.01 14.53
N GLY A 177 -28.16 14.00 15.31
CA GLY A 177 -28.03 12.61 14.92
C GLY A 177 -29.05 12.29 13.87
N SER A 178 -30.27 12.74 14.15
CA SER A 178 -31.42 12.58 13.29
C SER A 178 -31.52 13.70 12.24
N ILE A 179 -32.58 13.66 11.42
CA ILE A 179 -32.93 14.76 10.52
C ILE A 179 -33.52 15.89 11.34
N ASN A 180 -34.50 15.56 12.16
CA ASN A 180 -35.05 16.48 13.14
C ASN A 180 -33.99 16.90 14.09
N ASN A 181 -33.91 18.20 14.30
CA ASN A 181 -32.99 18.78 15.21
C ASN A 181 -33.72 19.80 16.04
N PRO A 182 -33.93 19.51 17.33
CA PRO A 182 -34.64 20.53 18.14
C PRO A 182 -33.71 21.72 18.50
N HIS A 183 -33.36 22.53 17.50
CA HIS A 183 -32.35 23.59 17.68
C HIS A 183 -32.73 24.63 18.69
N GLU A 184 -33.96 25.11 18.59
CA GLU A 184 -34.49 26.07 19.54
C GLU A 184 -34.26 25.60 20.99
N LEU A 185 -34.55 24.33 21.24
CA LEU A 185 -34.38 23.77 22.59
C LEU A 185 -32.93 23.74 23.01
N LYS A 186 -32.12 23.17 22.14
CA LYS A 186 -30.73 22.95 22.39
C LYS A 186 -30.00 24.27 22.72
N ILE A 187 -30.23 25.27 21.89
CA ILE A 187 -29.57 26.56 22.05
C ILE A 187 -30.06 27.30 23.32
N LYS A 188 -31.31 27.09 23.69
CA LYS A 188 -31.78 27.64 24.95
C LYS A 188 -31.09 26.97 26.13
N VAL A 189 -30.79 25.67 26.01
CA VAL A 189 -30.17 24.96 27.13
C VAL A 189 -28.73 25.43 27.28
N VAL A 190 -28.02 25.36 26.19
CA VAL A 190 -26.66 25.89 26.14
C VAL A 190 -26.51 27.37 26.61
N ARG A 191 -27.34 28.28 26.12
CA ARG A 191 -27.16 29.69 26.52
C ARG A 191 -27.52 29.86 27.97
N GLU A 192 -28.49 29.08 28.41
CA GLU A 192 -28.94 29.18 29.77
C GLU A 192 -27.76 28.83 30.65
N GLY A 193 -26.98 27.85 30.24
CA GLY A 193 -25.92 27.29 31.10
C GLY A 193 -24.67 28.13 31.11
N LEU A 194 -24.36 28.73 29.97
CA LEU A 194 -23.28 29.70 29.87
C LEU A 194 -23.61 30.92 30.74
N LYS A 195 -24.89 31.30 30.78
CA LYS A 195 -25.27 32.43 31.58
C LYS A 195 -24.95 32.12 33.03
N LYS A 196 -25.38 30.97 33.49
CA LYS A 196 -25.29 30.61 34.90
C LYS A 196 -23.87 30.39 35.41
N ALA A 197 -23.01 29.86 34.57
CA ALA A 197 -21.62 29.66 34.97
C ALA A 197 -20.85 30.98 34.84
N GLY A 198 -21.43 31.95 34.17
CA GLY A 198 -20.82 33.27 34.03
C GLY A 198 -19.74 33.28 32.98
N ILE A 199 -19.95 32.57 31.88
CA ILE A 199 -18.92 32.42 30.85
C ILE A 199 -18.86 33.69 30.01
N ASN A 200 -17.63 34.08 29.64
CA ASN A 200 -17.35 35.29 28.85
C ASN A 200 -16.01 35.17 28.05
N GLU A 201 -15.54 36.29 27.49
CA GLU A 201 -14.29 36.32 26.69
C GLU A 201 -13.08 35.90 27.53
N LYS A 202 -12.98 36.43 28.75
CA LYS A 202 -11.92 36.09 29.72
C LYS A 202 -11.92 34.62 30.23
N SER A 203 -12.99 33.86 29.97
CA SER A 203 -13.09 32.48 30.46
C SER A 203 -12.04 31.54 29.90
N SER A 204 -11.50 30.68 30.74
CA SER A 204 -10.65 29.59 30.27
C SER A 204 -11.47 28.43 29.63
N VAL A 205 -10.79 27.69 28.76
CA VAL A 205 -11.33 26.49 28.18
C VAL A 205 -11.79 25.51 29.24
N PHE A 206 -11.11 25.44 30.38
CA PHE A 206 -11.56 24.49 31.41
C PHE A 206 -12.86 24.95 32.08
N ASP A 207 -13.09 26.27 32.10
CA ASP A 207 -14.37 26.79 32.62
C ASP A 207 -15.52 26.47 31.67
N VAL A 208 -15.31 26.75 30.38
CA VAL A 208 -16.33 26.49 29.38
C VAL A 208 -16.75 25.00 29.43
N LEU A 209 -15.78 24.09 29.40
CA LEU A 209 -16.04 22.68 29.62
C LEU A 209 -16.75 22.40 30.89
N ASN A 210 -16.29 23.03 31.97
CA ASN A 210 -16.94 22.83 33.26
C ASN A 210 -18.40 23.30 33.26
N ALA A 211 -18.67 24.33 32.46
CA ALA A 211 -20.01 24.87 32.35
C ALA A 211 -20.89 23.95 31.51
N VAL A 212 -20.54 23.79 30.23
CA VAL A 212 -21.43 23.15 29.25
C VAL A 212 -20.82 22.02 28.43
N GLY A 213 -19.63 21.56 28.80
CA GLY A 213 -18.97 20.52 27.98
C GLY A 213 -19.50 19.14 28.28
N ASP A 214 -18.92 18.15 27.66
CA ASP A 214 -19.14 16.81 28.13
C ASP A 214 -17.78 16.15 28.37
N LYS A 215 -17.74 15.22 29.30
CA LYS A 215 -16.53 14.69 29.78
C LYS A 215 -15.75 13.96 28.70
N MSE A 216 -16.41 13.41 27.70
CA MSE A 216 -15.67 12.83 26.60
C MSE A 216 -14.62 13.82 26.08
O MSE A 216 -13.49 13.43 25.77
CB MSE A 216 -16.59 12.41 25.46
CG MSE A 216 -15.85 11.97 24.19
SE MSE A 216 -15.58 13.43 22.93
CE MSE A 216 -17.40 14.04 22.79
N MSE A 217 -14.98 15.10 25.98
CA MSE A 217 -14.15 16.07 25.28
C MSE A 217 -12.72 16.26 25.87
O MSE A 217 -11.71 16.18 25.11
CB MSE A 217 -14.87 17.42 25.19
CG MSE A 217 -16.21 17.37 24.46
SE MSE A 217 -17.12 19.11 24.41
CE MSE A 217 -16.00 19.97 23.10
N PRO A 218 -12.60 16.49 27.19
CA PRO A 218 -11.25 16.67 27.71
C PRO A 218 -10.44 15.43 27.51
N VAL A 219 -11.05 14.27 27.73
CA VAL A 219 -10.27 13.05 27.64
C VAL A 219 -9.69 12.94 26.23
N VAL A 220 -10.53 13.15 25.23
CA VAL A 220 -10.10 12.99 23.86
C VAL A 220 -9.07 14.10 23.54
N ALA A 221 -9.21 15.27 24.17
CA ALA A 221 -8.24 16.29 23.90
C ALA A 221 -6.89 15.79 24.45
N GLY A 222 -6.91 15.28 25.67
CA GLY A 222 -5.69 14.75 26.26
C GLY A 222 -5.12 13.68 25.36
N LEU A 223 -5.96 12.72 24.94
CA LEU A 223 -5.47 11.60 24.16
C LEU A 223 -4.82 12.11 22.93
N ALA A 224 -5.43 13.10 22.30
CA ALA A 224 -4.96 13.53 21.00
C ALA A 224 -3.64 14.30 21.14
N ILE A 225 -3.52 15.11 22.18
CA ILE A 225 -2.37 15.97 22.30
C ILE A 225 -1.20 15.08 22.56
N SER A 226 -1.41 14.12 23.43
CA SER A 226 -0.40 13.15 23.72
C SER A 226 0.16 12.47 22.46
N PHE A 227 -0.70 11.92 21.61
CA PHE A 227 -0.16 11.26 20.40
C PHE A 227 0.48 12.29 19.50
N ALA A 228 -0.06 13.48 19.46
CA ALA A 228 0.49 14.46 18.57
C ALA A 228 1.89 14.92 19.04
N GLU A 229 2.07 15.14 20.34
CA GLU A 229 3.38 15.49 20.84
C GLU A 229 4.44 14.43 20.60
N ARG A 230 4.06 13.17 20.45
CA ARG A 230 4.99 12.12 20.04
C ARG A 230 5.10 11.91 18.52
N ASN A 231 4.63 12.88 17.75
CA ASN A 231 4.72 12.82 16.28
C ASN A 231 3.91 11.67 15.71
N LYS A 232 2.72 11.48 16.23
CA LYS A 232 1.91 10.38 15.77
C LYS A 232 0.60 11.00 15.30
N PRO A 233 0.13 10.58 14.14
CA PRO A 233 -1.13 11.12 13.63
C PRO A 233 -2.34 10.63 14.46
N VAL A 234 -3.32 11.52 14.57
CA VAL A 234 -4.55 11.27 15.28
C VAL A 234 -5.74 11.59 14.40
N ILE A 235 -6.68 10.66 14.34
CA ILE A 235 -7.93 10.89 13.64
C ILE A 235 -9.01 11.05 14.70
N LEU A 236 -9.52 12.27 14.81
CA LEU A 236 -10.66 12.57 15.65
C LEU A 236 -11.87 12.00 14.93
N ALA A 237 -12.33 10.83 15.36
CA ALA A 237 -13.32 10.08 14.60
C ALA A 237 -14.71 10.47 15.07
N GLY A 238 -15.22 11.53 14.48
CA GLY A 238 -16.56 12.01 14.74
C GLY A 238 -16.87 13.20 13.84
N GLY A 239 -18.11 13.60 13.86
CA GLY A 239 -18.49 14.77 13.10
C GLY A 239 -18.24 16.08 13.82
N THR A 240 -19.32 16.78 13.99
CA THR A 240 -19.38 18.14 14.46
C THR A 240 -18.96 18.25 15.94
N GLN A 241 -19.08 17.16 16.68
CA GLN A 241 -18.64 17.16 18.08
C GLN A 241 -17.12 17.23 18.11
N MSE A 242 -16.46 16.63 17.10
CA MSE A 242 -15.01 16.64 17.08
C MSE A 242 -14.47 18.01 16.72
O MSE A 242 -13.36 18.35 17.08
CB MSE A 242 -14.48 15.58 16.12
CG MSE A 242 -14.76 14.23 16.63
SE MSE A 242 -13.89 13.78 18.32
CE MSE A 242 -15.04 14.58 19.64
N SER A 243 -15.27 18.80 16.01
CA SER A 243 -14.90 20.17 15.81
C SER A 243 -14.88 20.85 17.18
N ALA A 244 -15.86 20.57 18.01
CA ALA A 244 -15.83 21.19 19.31
C ALA A 244 -14.51 20.78 19.93
N VAL A 245 -14.19 19.50 19.89
CA VAL A 245 -12.99 18.99 20.53
C VAL A 245 -11.71 19.60 19.97
N LEU A 246 -11.66 19.81 18.65
CA LEU A 246 -10.56 20.47 17.98
C LEU A 246 -10.38 21.89 18.53
N ALA A 247 -11.52 22.55 18.77
CA ALA A 247 -11.52 23.85 19.38
C ALA A 247 -10.84 23.78 20.76
N VAL A 248 -11.09 22.71 21.50
CA VAL A 248 -10.48 22.60 22.81
C VAL A 248 -8.97 22.35 22.68
N ILE A 249 -8.57 21.48 21.76
CA ILE A 249 -7.16 21.24 21.52
C ILE A 249 -6.46 22.57 21.21
N LYS A 250 -7.11 23.42 20.45
CA LYS A 250 -6.53 24.69 20.11
C LYS A 250 -6.34 25.56 21.33
N GLU A 251 -7.28 25.52 22.26
CA GLU A 251 -7.11 26.36 23.47
C GLU A 251 -5.99 25.88 24.37
N ILE A 252 -5.85 24.56 24.49
CA ILE A 252 -4.85 24.02 25.39
C ILE A 252 -3.44 24.08 24.75
N ASN A 253 -3.30 23.69 23.50
CA ASN A 253 -2.00 23.61 22.87
C ASN A 253 -2.10 24.06 21.41
N LYS A 254 -2.19 25.36 21.17
CA LYS A 254 -2.41 25.86 19.81
C LYS A 254 -1.34 25.34 18.87
N LYS A 255 -0.12 25.22 19.38
CA LYS A 255 0.99 24.89 18.51
C LYS A 255 1.05 23.42 18.12
N VAL A 256 0.19 22.58 18.67
CA VAL A 256 0.12 21.19 18.24
C VAL A 256 -0.54 21.08 16.87
N LEU A 257 -1.49 21.95 16.59
CA LEU A 257 -2.19 21.97 15.28
C LEU A 257 -1.32 22.49 14.15
N ASP A 258 -0.22 23.19 14.50
CA ASP A 258 0.75 23.61 13.49
C ASP A 258 1.46 22.38 12.87
N LYS A 259 1.64 21.34 13.68
CA LYS A 259 2.09 20.05 13.17
C LYS A 259 0.91 19.56 12.39
N ASN A 260 1.12 18.92 11.26
CA ASN A 260 -0.08 18.53 10.49
C ASN A 260 -0.44 17.12 10.94
N LEU A 261 -0.84 16.95 12.22
CA LEU A 261 -0.94 15.58 12.78
C LEU A 261 -2.30 15.14 13.29
N ILE A 262 -3.26 16.06 13.36
CA ILE A 262 -4.59 15.83 13.90
C ILE A 262 -5.64 16.18 12.85
N ALA A 263 -6.40 15.19 12.44
CA ALA A 263 -7.38 15.36 11.40
C ALA A 263 -8.71 14.95 11.99
N ILE A 264 -9.78 15.57 11.48
CA ILE A 264 -11.12 15.08 11.74
C ILE A 264 -11.47 14.10 10.65
N GLY A 265 -11.90 12.92 11.07
CA GLY A 265 -12.39 11.87 10.18
C GLY A 265 -13.85 11.59 10.44
N THR A 266 -14.68 11.75 9.42
CA THR A 266 -16.10 11.64 9.55
C THR A 266 -16.68 10.99 8.33
N THR A 267 -18.02 10.98 8.24
CA THR A 267 -18.71 10.42 7.10
C THR A 267 -19.19 11.48 6.10
N GLU A 268 -19.40 11.06 4.86
CA GLU A 268 -20.05 11.89 3.85
C GLU A 268 -21.37 12.51 4.31
N PHE A 269 -22.09 11.77 5.16
CA PHE A 269 -23.38 12.19 5.66
C PHE A 269 -23.26 13.46 6.52
N VAL A 270 -22.23 13.57 7.32
CA VAL A 270 -22.04 14.73 8.15
C VAL A 270 -21.58 15.86 7.27
N LEU A 271 -20.50 15.62 6.52
CA LEU A 271 -19.92 16.61 5.60
C LEU A 271 -20.99 17.26 4.74
N ASN A 272 -21.77 16.44 4.05
CA ASN A 272 -22.85 16.94 3.19
C ASN A 272 -24.21 17.17 3.89
N ASP A 273 -24.21 17.31 5.21
CA ASP A 273 -25.42 17.67 5.94
C ASP A 273 -25.92 19.00 5.45
N LYS A 274 -27.14 18.97 4.96
CA LYS A 274 -27.83 20.14 4.52
C LYS A 274 -27.99 21.10 5.68
N LYS A 275 -28.20 20.56 6.89
CA LYS A 275 -28.47 21.40 8.07
C LYS A 275 -27.27 21.76 8.92
N GLY A 276 -26.08 21.48 8.41
CA GLY A 276 -24.88 21.84 9.13
C GLY A 276 -23.65 22.09 8.27
N ASP A 277 -22.64 22.60 8.97
CA ASP A 277 -21.48 23.17 8.33
C ASP A 277 -20.19 22.82 9.08
N LEU A 278 -19.80 21.54 9.06
CA LEU A 278 -18.56 21.12 9.68
C LEU A 278 -17.40 21.94 9.09
N LYS A 279 -17.22 21.90 7.77
CA LYS A 279 -16.21 22.74 7.10
C LYS A 279 -16.14 24.16 7.62
N GLY A 280 -17.28 24.73 7.90
CA GLY A 280 -17.37 26.13 8.31
C GLY A 280 -16.81 26.34 9.69
N ILE A 281 -17.18 25.44 10.60
CA ILE A 281 -16.70 25.55 11.95
C ILE A 281 -15.19 25.38 11.90
N VAL A 282 -14.75 24.40 11.14
CA VAL A 282 -13.34 24.05 11.16
C VAL A 282 -12.50 25.15 10.52
N GLU A 283 -13.05 25.91 9.59
CA GLU A 283 -12.28 27.03 8.98
C GLU A 283 -11.98 28.04 10.06
N GLN A 284 -12.93 28.25 10.96
CA GLN A 284 -12.73 29.23 12.04
C GLN A 284 -11.71 28.79 13.05
N ILE A 285 -11.57 27.50 13.23
CA ILE A 285 -10.66 26.96 14.23
C ILE A 285 -9.23 27.04 13.73
N GLY A 286 -9.03 26.60 12.50
CA GLY A 286 -7.70 26.54 11.93
C GLY A 286 -7.63 25.69 10.68
N ASN A 287 -6.45 25.59 10.12
CA ASN A 287 -6.29 24.84 8.89
C ASN A 287 -6.02 23.39 9.30
N VAL A 288 -7.06 22.57 9.32
CA VAL A 288 -6.95 21.21 9.82
C VAL A 288 -7.53 20.30 8.80
N PRO A 289 -6.91 19.14 8.58
CA PRO A 289 -7.50 18.28 7.56
C PRO A 289 -8.87 17.78 8.00
N VAL A 290 -9.83 17.78 7.08
CA VAL A 290 -11.14 17.20 7.32
C VAL A 290 -11.45 16.21 6.23
N LEU A 291 -11.71 14.99 6.65
CA LEU A 291 -11.79 13.86 5.76
C LEU A 291 -13.07 13.11 6.02
N ALA A 292 -13.78 12.74 4.96
CA ALA A 292 -15.06 11.99 5.12
C ALA A 292 -15.03 10.73 4.27
N SER A 293 -15.64 9.68 4.78
CA SER A 293 -15.73 8.40 4.08
C SER A 293 -17.01 8.30 3.28
N LYS A 294 -16.91 7.66 2.11
CA LYS A 294 -18.02 7.39 1.26
C LYS A 294 -18.47 5.93 1.39
N PHE A 295 -19.77 5.67 1.57
CA PHE A 295 -20.24 4.33 1.82
C PHE A 295 -20.99 3.61 0.67
N TYR A 296 -21.45 4.36 -0.33
CA TYR A 296 -22.28 3.85 -1.41
C TYR A 296 -23.43 3.08 -0.85
N PHE A 297 -24.07 3.69 0.16
CA PHE A 297 -25.22 3.07 0.85
C PHE A 297 -26.47 3.08 0.02
N GLU A 298 -26.52 3.94 -1.01
CA GLU A 298 -27.60 3.90 -2.04
C GLU A 298 -27.82 2.52 -2.65
N LYS A 299 -26.73 1.76 -2.82
CA LYS A 299 -26.83 0.42 -3.36
C LYS A 299 -27.08 -0.67 -2.31
N ALA A 300 -27.33 -0.33 -1.05
CA ALA A 300 -27.32 -1.36 0.00
C ALA A 300 -28.55 -2.31 -0.05
N LYS A 301 -28.35 -3.61 0.15
CA LYS A 301 -29.49 -4.54 0.21
C LYS A 301 -30.41 -4.23 1.42
N ILE A 302 -29.82 -3.90 2.57
CA ILE A 302 -30.53 -3.46 3.79
C ILE A 302 -30.97 -2.00 3.76
N GLU A 303 -32.28 -1.78 3.78
CA GLU A 303 -32.86 -0.45 3.58
C GLU A 303 -32.49 0.55 4.70
N GLY A 304 -32.24 0.02 5.89
CA GLY A 304 -31.85 0.85 7.00
C GLY A 304 -30.60 1.67 6.72
N LEU A 305 -29.73 1.20 5.83
CA LEU A 305 -28.52 1.93 5.47
C LEU A 305 -28.82 3.13 4.61
N LYS A 306 -29.82 3.00 3.76
CA LYS A 306 -30.19 4.06 2.83
C LYS A 306 -30.70 5.27 3.60
N ASN A 307 -31.20 5.00 4.81
CA ASN A 307 -31.57 6.05 5.74
C ASN A 307 -30.42 7.01 6.06
N TYR A 308 -29.17 6.55 5.99
CA TYR A 308 -28.01 7.42 6.15
C TYR A 308 -27.99 8.47 5.06
N CYS A 309 -28.32 8.07 3.83
CA CYS A 309 -28.41 9.02 2.70
C CYS A 309 -29.43 10.12 2.96
N LYS A 310 -30.42 9.87 3.80
CA LYS A 310 -31.42 10.91 4.07
C LYS A 310 -31.07 11.81 5.24
N GLY A 311 -30.10 11.41 6.06
CA GLY A 311 -29.76 12.16 7.26
C GLY A 311 -30.25 11.55 8.57
N SER A 312 -30.78 10.35 8.52
CA SER A 312 -31.48 9.86 9.67
C SER A 312 -30.56 9.34 10.74
N VAL A 313 -29.31 9.16 10.41
CA VAL A 313 -28.33 8.75 11.37
C VAL A 313 -27.12 9.02 10.57
N LYS A 314 -26.08 9.61 11.14
CA LYS A 314 -25.04 10.13 10.30
C LYS A 314 -23.67 9.65 10.61
N GLU A 315 -23.42 9.42 11.88
CA GLU A 315 -22.08 9.16 12.33
C GLU A 315 -22.14 8.76 13.78
N GLY A 316 -21.04 8.27 14.31
CA GLY A 316 -20.99 7.95 15.73
C GLY A 316 -20.08 6.80 15.94
N VAL A 317 -19.53 6.71 17.14
CA VAL A 317 -18.68 5.57 17.51
C VAL A 317 -17.50 5.44 16.57
N GLY A 318 -17.00 6.60 16.11
CA GLY A 318 -15.82 6.66 15.25
C GLY A 318 -15.96 6.04 13.87
N ALA A 319 -17.19 5.85 13.44
CA ALA A 319 -17.43 5.17 12.17
C ALA A 319 -16.78 5.90 11.00
N GLY A 320 -17.19 7.15 10.80
CA GLY A 320 -16.58 8.00 9.78
C GLY A 320 -15.06 7.85 9.73
N GLY A 321 -14.45 7.93 10.89
CA GLY A 321 -13.03 7.97 10.98
C GLY A 321 -12.30 6.66 10.74
N ILE A 322 -12.79 5.60 11.37
CA ILE A 322 -12.19 4.31 11.23
C ILE A 322 -12.32 3.83 9.75
N ALA A 323 -13.39 4.23 9.07
CA ALA A 323 -13.60 3.94 7.66
C ALA A 323 -12.64 4.73 6.81
N VAL A 324 -12.44 6.00 7.13
CA VAL A 324 -11.39 6.74 6.43
C VAL A 324 -10.10 5.95 6.58
N TYR A 325 -9.71 5.63 7.81
CA TYR A 325 -8.53 4.85 8.00
C TYR A 325 -8.51 3.59 7.11
N SER A 326 -9.64 2.87 7.03
CA SER A 326 -9.67 1.60 6.34
C SER A 326 -9.55 1.72 4.83
N ILE A 327 -10.30 2.67 4.29
CA ILE A 327 -10.43 2.93 2.87
C ILE A 327 -9.08 3.36 2.30
N VAL A 328 -8.44 4.30 2.98
CA VAL A 328 -7.13 4.75 2.58
C VAL A 328 -6.16 3.57 2.65
N ASN A 329 -6.39 2.64 3.58
CA ASN A 329 -5.54 1.48 3.64
C ASN A 329 -6.09 0.28 2.86
N ASP A 330 -6.83 0.58 1.79
CA ASP A 330 -7.21 -0.35 0.72
C ASP A 330 -8.41 -1.24 0.96
N LEU A 331 -9.23 -0.91 1.95
CA LEU A 331 -10.51 -1.56 2.06
C LEU A 331 -11.42 -0.99 0.97
N GLU A 332 -12.04 -1.88 0.20
CA GLU A 332 -13.04 -1.50 -0.77
C GLU A 332 -14.31 -1.12 0.05
N PRO A 333 -14.83 0.11 -0.15
CA PRO A 333 -15.98 0.64 0.60
C PRO A 333 -17.19 -0.22 0.65
N THR A 334 -17.49 -0.87 -0.46
CA THR A 334 -18.58 -1.79 -0.54
C THR A 334 -18.38 -2.97 0.42
N LYS A 335 -17.13 -3.33 0.76
CA LYS A 335 -16.92 -4.42 1.71
C LYS A 335 -17.55 -4.12 3.09
N ILE A 336 -17.77 -2.83 3.40
CA ILE A 336 -18.34 -2.40 4.67
C ILE A 336 -19.80 -2.66 4.68
N ARG A 337 -20.45 -2.14 3.66
CA ARG A 337 -21.85 -2.42 3.39
C ARG A 337 -22.21 -3.93 3.40
N GLU A 338 -21.44 -4.73 2.69
CA GLU A 338 -21.70 -6.18 2.62
C GLU A 338 -21.54 -6.86 3.94
N PHE A 339 -20.50 -6.50 4.66
CA PHE A 339 -20.27 -7.02 6.00
C PHE A 339 -21.48 -6.92 6.87
N ILE A 340 -22.09 -5.74 6.83
CA ILE A 340 -23.19 -5.39 7.68
C ILE A 340 -24.42 -6.17 7.24
N GLU A 341 -24.58 -6.27 5.91
CA GLU A 341 -25.66 -7.06 5.33
C GLU A 341 -25.54 -8.52 5.80
N ASN A 342 -24.36 -9.11 5.72
CA ASN A 342 -24.14 -10.51 6.15
C ASN A 342 -24.35 -10.67 7.64
N LYS A 343 -24.04 -9.64 8.39
CA LYS A 343 -24.00 -9.80 9.85
C LYS A 343 -25.35 -9.65 10.49
N PHE A 344 -26.32 -9.19 9.71
CA PHE A 344 -27.58 -8.81 10.26
C PHE A 344 -28.41 -9.90 10.95
N TYR A 345 -27.90 -11.12 11.07
CA TYR A 345 -28.70 -12.27 11.55
C TYR A 345 -28.59 -12.36 13.05
N GLU A 346 -27.44 -11.93 13.59
CA GLU A 346 -27.29 -11.58 15.04
C GLU A 346 -27.28 -10.05 15.32
N MSE B 1 -10.78 -4.30 -6.73
CA MSE B 1 -10.39 -5.64 -6.19
C MSE B 1 -10.47 -6.73 -7.27
O MSE B 1 -11.57 -7.09 -7.74
CB MSE B 1 -11.33 -6.05 -5.07
N SER B 2 -9.30 -7.24 -7.64
CA SER B 2 -9.24 -8.31 -8.66
C SER B 2 -9.01 -9.64 -7.93
N ILE B 3 -9.81 -9.83 -6.86
CA ILE B 3 -9.77 -11.01 -5.97
C ILE B 3 -11.22 -11.42 -5.60
N ILE B 4 -11.56 -12.70 -5.74
CA ILE B 4 -12.83 -13.20 -5.24
C ILE B 4 -12.53 -13.75 -3.87
N ALA B 5 -13.36 -13.43 -2.87
CA ALA B 5 -13.03 -13.78 -1.50
C ALA B 5 -14.24 -14.40 -0.80
N ILE B 6 -14.07 -15.60 -0.25
CA ILE B 6 -15.13 -16.26 0.49
C ILE B 6 -14.69 -16.37 1.93
N ASN B 7 -15.56 -15.96 2.85
CA ASN B 7 -15.22 -15.93 4.25
C ASN B 7 -13.86 -15.30 4.49
N GLU B 8 -13.70 -14.09 3.94
CA GLU B 8 -12.43 -13.38 3.97
C GLU B 8 -12.00 -13.14 5.41
N ASN B 9 -12.89 -12.53 6.19
CA ASN B 9 -12.66 -12.24 7.61
C ASN B 9 -11.37 -11.48 7.86
N GLY B 10 -11.12 -10.43 7.10
CA GLY B 10 -9.94 -9.61 7.34
C GLY B 10 -8.61 -10.25 6.99
N PHE B 11 -8.63 -11.32 6.18
CA PHE B 11 -7.41 -12.05 5.87
C PHE B 11 -6.56 -11.34 4.88
N LEU B 12 -7.19 -10.68 3.92
CA LEU B 12 -6.44 -9.88 2.96
C LEU B 12 -5.61 -8.80 3.64
N ASP B 13 -6.18 -8.07 4.60
CA ASP B 13 -5.42 -7.11 5.38
C ASP B 13 -4.18 -7.76 6.03
N LYS B 14 -4.29 -9.03 6.37
CA LYS B 14 -3.23 -9.75 7.02
C LYS B 14 -2.11 -10.06 6.10
N ILE B 15 -2.37 -10.08 4.82
CA ILE B 15 -1.30 -10.38 3.93
C ILE B 15 -0.81 -9.16 3.21
N LYS B 16 -1.36 -8.02 3.52
CA LYS B 16 -0.90 -6.81 2.92
C LYS B 16 0.34 -6.33 3.60
N GLY B 17 1.37 -6.09 2.81
CA GLY B 17 2.56 -5.48 3.34
C GLY B 17 3.48 -6.45 4.06
N ARG B 18 3.19 -7.75 4.06
CA ARG B 18 4.11 -8.67 4.71
C ARG B 18 5.16 -9.26 3.78
N ASN B 19 6.31 -9.50 4.35
CA ASN B 19 7.43 -10.06 3.62
C ASN B 19 7.29 -11.59 3.39
N PRO B 20 7.20 -12.02 2.13
CA PRO B 20 6.77 -13.36 1.84
C PRO B 20 7.88 -14.34 1.60
N LEU B 21 7.59 -15.62 1.79
CA LEU B 21 8.38 -16.72 1.23
C LEU B 21 7.48 -17.62 0.40
N PHE B 22 7.95 -17.90 -0.82
CA PHE B 22 7.25 -18.87 -1.64
C PHE B 22 7.98 -20.20 -1.74
N THR B 23 7.24 -21.28 -1.58
CA THR B 23 7.85 -22.57 -1.81
C THR B 23 6.87 -23.52 -2.47
N CYS B 24 7.33 -24.22 -3.50
CA CYS B 24 6.52 -25.32 -4.09
C CYS B 24 7.00 -26.66 -3.54
N VAL B 25 6.09 -27.44 -2.99
CA VAL B 25 6.46 -28.80 -2.56
C VAL B 25 6.14 -29.77 -3.70
N ILE B 26 7.12 -30.59 -4.12
CA ILE B 26 6.91 -31.54 -5.22
C ILE B 26 7.01 -33.00 -4.81
N SER B 27 6.20 -33.82 -5.46
CA SER B 27 6.21 -35.22 -5.21
C SER B 27 5.81 -35.96 -6.46
N SER B 28 6.29 -37.19 -6.63
CA SER B 28 5.84 -38.05 -7.71
C SER B 28 5.04 -39.16 -7.12
N ILE B 29 4.19 -39.79 -7.91
CA ILE B 29 3.47 -40.95 -7.44
C ILE B 29 3.68 -42.14 -8.37
N GLU B 30 3.87 -43.31 -7.79
CA GLU B 30 4.18 -44.49 -8.56
C GLU B 30 2.99 -44.94 -9.39
N THR B 31 1.91 -45.25 -8.71
CA THR B 31 0.72 -45.55 -9.42
C THR B 31 0.78 -44.78 -10.68
N THR B 32 0.91 -43.49 -10.54
CA THR B 32 0.83 -42.65 -11.71
C THR B 32 1.48 -43.23 -12.98
N LEU B 33 2.48 -44.09 -12.83
CA LEU B 33 3.37 -44.46 -13.95
C LEU B 33 2.82 -45.57 -14.85
N SER B 34 2.01 -46.43 -14.26
CA SER B 34 1.46 -47.59 -14.94
C SER B 34 -0.05 -47.49 -15.06
N ILE B 35 -0.68 -46.59 -14.30
CA ILE B 35 -2.11 -46.35 -14.43
C ILE B 35 -2.36 -44.85 -14.72
N PRO B 36 -3.25 -44.55 -15.69
CA PRO B 36 -3.53 -43.19 -16.10
C PRO B 36 -4.60 -42.51 -15.23
N ILE B 37 -4.17 -42.07 -14.04
CA ILE B 37 -5.06 -41.36 -13.10
C ILE B 37 -4.87 -39.84 -13.25
N SER B 38 -3.64 -39.46 -13.59
CA SER B 38 -3.24 -38.08 -13.65
C SER B 38 -3.61 -37.43 -14.96
N GLY B 39 -3.85 -36.13 -14.93
CA GLY B 39 -4.04 -35.34 -16.16
C GLY B 39 -2.77 -35.21 -17.00
N VAL B 40 -1.61 -35.40 -16.37
CA VAL B 40 -0.31 -35.25 -17.04
C VAL B 40 0.02 -36.56 -17.71
N HIS B 41 0.77 -36.48 -18.80
CA HIS B 41 0.87 -37.64 -19.68
C HIS B 41 2.14 -38.40 -19.41
N ARG B 42 1.99 -39.73 -19.35
CA ARG B 42 3.10 -40.62 -18.99
C ARG B 42 4.31 -40.21 -19.84
N ASP B 43 4.09 -39.59 -20.99
CA ASP B 43 5.17 -39.10 -21.85
C ASP B 43 6.20 -38.32 -21.04
N VAL B 44 5.69 -37.44 -20.18
CA VAL B 44 6.47 -36.35 -19.60
C VAL B 44 6.26 -36.15 -18.05
N ILE B 45 5.35 -36.92 -17.45
CA ILE B 45 5.07 -36.94 -16.01
C ILE B 45 6.30 -37.07 -15.11
N LYS B 46 7.30 -37.83 -15.54
CA LYS B 46 8.47 -38.06 -14.71
C LYS B 46 9.15 -36.77 -14.36
N TYR B 47 9.12 -35.83 -15.31
CA TYR B 47 10.00 -34.68 -15.35
C TYR B 47 9.33 -33.36 -14.98
N THR B 48 8.00 -33.38 -14.91
CA THR B 48 7.21 -32.17 -14.81
C THR B 48 7.53 -31.32 -13.54
N PRO B 49 7.36 -31.91 -12.35
CA PRO B 49 7.52 -31.09 -11.16
C PRO B 49 8.85 -30.40 -11.09
N SER B 50 9.93 -31.10 -11.35
CA SER B 50 11.22 -30.43 -11.29
C SER B 50 11.24 -29.29 -12.25
N ALA B 51 10.69 -29.53 -13.44
CA ALA B 51 10.52 -28.50 -14.48
C ALA B 51 9.76 -27.26 -13.99
N ASP B 52 8.58 -27.44 -13.44
CA ASP B 52 7.84 -26.33 -12.89
C ASP B 52 8.75 -25.48 -11.96
N VAL B 53 9.35 -26.09 -10.94
CA VAL B 53 10.03 -25.28 -9.95
C VAL B 53 11.31 -24.69 -10.54
N GLU B 54 11.91 -25.35 -11.51
CA GLU B 54 13.11 -24.77 -12.10
C GLU B 54 12.77 -23.49 -12.92
N LEU B 55 11.57 -23.47 -13.48
CA LEU B 55 11.10 -22.33 -14.26
C LEU B 55 10.69 -21.18 -13.34
N VAL B 56 10.40 -21.53 -12.09
CA VAL B 56 10.01 -20.53 -11.10
C VAL B 56 11.23 -19.96 -10.39
N PHE B 57 12.19 -20.82 -10.09
CA PHE B 57 13.41 -20.42 -9.43
C PHE B 57 14.35 -19.85 -10.42
N TYR B 58 14.32 -20.45 -11.59
CA TYR B 58 15.27 -20.13 -12.62
C TYR B 58 14.42 -19.66 -13.79
N GLY B 59 14.98 -18.90 -14.69
CA GLY B 59 14.13 -18.50 -15.83
C GLY B 59 13.39 -19.58 -16.66
N LYS B 60 13.82 -20.85 -16.56
CA LYS B 60 13.40 -21.89 -17.53
C LYS B 60 13.75 -23.26 -17.03
N SER B 61 13.01 -24.25 -17.53
CA SER B 61 13.13 -25.58 -17.01
C SER B 61 14.37 -26.26 -17.60
N LEU B 62 15.02 -27.08 -16.81
CA LEU B 62 16.42 -27.40 -17.03
C LEU B 62 16.67 -28.83 -17.46
N THR B 63 15.80 -29.75 -17.05
CA THR B 63 16.01 -31.13 -17.44
C THR B 63 15.23 -31.40 -18.71
N LEU B 64 13.94 -31.15 -18.65
CA LEU B 64 13.03 -31.28 -19.77
C LEU B 64 12.92 -29.93 -20.49
N LYS B 65 13.64 -29.77 -21.61
CA LYS B 65 13.56 -28.52 -22.36
C LYS B 65 12.38 -28.52 -23.35
N THR B 66 11.24 -28.00 -22.92
CA THR B 66 10.14 -27.65 -23.81
C THR B 66 9.64 -26.28 -23.40
N PRO B 67 8.97 -25.61 -24.35
CA PRO B 67 8.25 -24.41 -23.95
C PRO B 67 7.07 -24.75 -23.04
N PRO B 68 6.83 -23.92 -22.01
CA PRO B 68 5.82 -24.13 -20.99
C PRO B 68 4.42 -23.71 -21.43
N ILE B 69 4.00 -24.29 -22.54
CA ILE B 69 2.69 -24.03 -23.13
C ILE B 69 2.00 -25.39 -23.22
N ASP B 70 0.75 -25.50 -22.79
CA ASP B 70 0.08 -26.81 -22.86
C ASP B 70 -0.18 -27.22 -24.35
N ALA B 71 -0.60 -28.47 -24.55
CA ALA B 71 -0.90 -28.91 -25.91
C ALA B 71 -1.78 -27.94 -26.69
N THR B 72 -2.60 -27.14 -25.99
CA THR B 72 -3.63 -26.26 -26.62
C THR B 72 -3.26 -24.79 -26.82
N GLY B 73 -1.99 -24.44 -26.70
CA GLY B 73 -1.59 -23.02 -26.77
C GLY B 73 -1.62 -22.24 -25.43
N SER B 74 -2.36 -22.74 -24.42
CA SER B 74 -2.39 -22.08 -23.12
C SER B 74 -1.06 -22.27 -22.33
N PRO B 75 -0.68 -21.22 -21.54
CA PRO B 75 0.54 -21.23 -20.72
C PRO B 75 0.44 -22.14 -19.53
N THR B 76 1.61 -22.62 -19.13
CA THR B 76 1.73 -23.49 -17.99
C THR B 76 1.57 -22.61 -16.71
N PRO B 77 0.70 -23.02 -15.77
CA PRO B 77 0.62 -22.36 -14.45
C PRO B 77 1.98 -21.91 -13.89
N ALA B 78 3.04 -22.71 -14.06
CA ALA B 78 4.36 -22.28 -13.59
C ALA B 78 4.71 -20.87 -14.07
N THR B 79 4.15 -20.47 -15.21
CA THR B 79 4.51 -19.20 -15.83
C THR B 79 3.90 -18.05 -15.03
N ILE B 80 2.65 -18.21 -14.61
CA ILE B 80 2.03 -17.26 -13.73
C ILE B 80 2.85 -17.02 -12.45
N THR B 81 3.20 -18.15 -11.82
CA THR B 81 4.02 -18.18 -10.61
C THR B 81 5.36 -17.52 -10.83
N ARG B 82 5.95 -17.77 -11.97
CA ARG B 82 7.24 -17.15 -12.25
C ARG B 82 7.11 -15.58 -12.40
N ALA B 83 6.04 -15.15 -13.06
CA ALA B 83 5.77 -13.74 -13.30
C ALA B 83 5.70 -13.01 -11.95
N CYS B 84 4.80 -13.47 -11.10
CA CYS B 84 4.69 -12.97 -9.73
C CYS B 84 6.01 -12.94 -9.00
N VAL B 85 6.71 -14.06 -9.03
CA VAL B 85 8.02 -14.15 -8.40
C VAL B 85 8.98 -13.04 -8.86
N GLU B 86 9.01 -12.78 -10.15
CA GLU B 86 9.94 -11.79 -10.72
C GLU B 86 9.43 -10.35 -10.57
N LEU B 87 8.12 -10.19 -10.77
CA LEU B 87 7.47 -8.88 -10.67
C LEU B 87 7.35 -8.41 -9.24
N LYS B 88 7.20 -9.34 -8.28
CA LYS B 88 7.11 -8.94 -6.86
C LYS B 88 8.36 -9.17 -6.02
N ASN B 89 9.46 -9.52 -6.69
CA ASN B 89 10.73 -9.83 -6.04
C ASN B 89 10.62 -10.83 -4.94
N ILE B 90 9.90 -11.91 -5.16
CA ILE B 90 9.58 -12.81 -4.09
C ILE B 90 10.64 -13.90 -3.95
N LYS B 91 11.30 -13.96 -2.81
CA LYS B 91 12.20 -15.09 -2.49
C LYS B 91 11.45 -16.41 -2.50
N ASN B 92 12.05 -17.39 -3.14
CA ASN B 92 11.44 -18.70 -3.24
C ASN B 92 12.49 -19.80 -3.07
N LEU B 93 12.11 -20.87 -2.39
CA LEU B 93 12.96 -22.04 -2.15
C LEU B 93 12.07 -23.25 -2.29
N HIS B 94 12.47 -24.23 -3.08
CA HIS B 94 11.57 -25.33 -3.35
C HIS B 94 11.92 -26.66 -2.68
N ILE B 95 10.90 -27.43 -2.32
CA ILE B 95 11.10 -28.63 -1.56
C ILE B 95 10.77 -29.88 -2.34
N ASP B 96 11.54 -30.94 -2.13
CA ASP B 96 11.29 -32.22 -2.79
C ASP B 96 10.82 -33.28 -1.78
N ALA B 97 9.56 -33.70 -1.92
CA ALA B 97 9.03 -34.87 -1.22
C ALA B 97 8.93 -36.04 -2.23
N GLY B 98 9.99 -36.24 -3.01
CA GLY B 98 10.17 -37.46 -3.81
C GLY B 98 9.61 -37.45 -5.22
N ALA B 99 9.98 -36.42 -5.98
CA ALA B 99 9.69 -36.31 -7.38
C ALA B 99 10.61 -37.30 -8.10
N PHE B 100 10.22 -37.78 -9.28
CA PHE B 100 11.01 -38.84 -9.93
C PHE B 100 12.37 -38.30 -10.44
N VAL B 101 12.38 -37.15 -11.06
CA VAL B 101 13.63 -36.53 -11.43
C VAL B 101 13.79 -35.30 -10.55
N LYS B 102 14.99 -35.13 -9.97
CA LYS B 102 15.26 -34.03 -9.05
C LYS B 102 15.46 -32.73 -9.83
N PRO B 103 15.12 -31.61 -9.23
CA PRO B 103 15.26 -30.30 -9.87
C PRO B 103 16.72 -29.96 -10.14
N LYS B 104 16.99 -29.31 -11.27
CA LYS B 104 18.34 -28.93 -11.64
C LYS B 104 18.78 -27.66 -10.90
N ILE B 105 18.00 -27.26 -9.91
CA ILE B 105 18.30 -26.06 -9.14
C ILE B 105 18.27 -26.35 -7.64
N PRO B 106 19.14 -25.68 -6.89
CA PRO B 106 19.20 -25.86 -5.44
C PRO B 106 17.82 -26.01 -4.82
N PHE B 107 17.59 -27.13 -4.15
CA PHE B 107 16.29 -27.39 -3.52
C PHE B 107 16.47 -28.12 -2.18
N ILE B 108 15.39 -28.19 -1.41
CA ILE B 108 15.42 -28.84 -0.15
C ILE B 108 14.89 -30.24 -0.33
N GLU B 109 15.76 -31.20 -0.02
CA GLU B 109 15.40 -32.59 -0.05
C GLU B 109 14.87 -32.95 1.31
N ILE B 110 13.64 -33.40 1.35
CA ILE B 110 13.03 -33.94 2.52
C ILE B 110 12.82 -35.45 2.44
N ASP B 111 12.69 -35.99 1.22
CA ASP B 111 12.49 -37.42 1.00
C ASP B 111 12.80 -37.79 -0.46
N GLU B 112 13.87 -38.53 -0.66
CA GLU B 112 14.23 -39.05 -1.97
C GLU B 112 13.08 -39.86 -2.60
N LYS B 113 12.53 -40.76 -1.81
CA LYS B 113 11.69 -41.78 -2.35
C LYS B 113 10.36 -41.19 -2.70
N PRO B 114 9.81 -41.58 -3.84
CA PRO B 114 8.48 -41.26 -4.26
C PRO B 114 7.34 -41.72 -3.34
N THR B 115 6.18 -41.10 -3.51
CA THR B 115 4.94 -41.61 -2.94
C THR B 115 4.67 -42.93 -3.62
N GLY B 116 3.97 -43.83 -2.95
CA GLY B 116 3.87 -45.22 -3.39
C GLY B 116 2.64 -45.55 -4.20
N ARG B 117 2.18 -46.79 -4.05
CA ARG B 117 1.08 -47.32 -4.83
C ARG B 117 -0.24 -47.14 -4.12
N ILE B 118 -1.00 -46.15 -4.56
CA ILE B 118 -2.25 -45.82 -3.88
C ILE B 118 -3.21 -47.00 -3.91
N GLU B 119 -3.35 -47.67 -5.06
CA GLU B 119 -4.23 -48.86 -5.21
C GLU B 119 -3.99 -49.88 -4.11
N GLU B 120 -2.70 -50.09 -3.81
CA GLU B 120 -2.24 -50.99 -2.73
C GLU B 120 -2.53 -50.47 -1.32
N GLY B 121 -2.91 -49.21 -1.20
CA GLY B 121 -3.08 -48.62 0.11
C GLY B 121 -1.75 -48.55 0.82
N LYS B 122 -0.68 -48.39 0.05
CA LYS B 122 0.67 -48.21 0.58
C LYS B 122 1.34 -46.94 0.00
N ALA B 123 0.68 -45.79 0.13
CA ALA B 123 1.27 -44.49 -0.29
C ALA B 123 2.63 -44.18 0.38
N MSE B 124 2.72 -44.45 1.67
CA MSE B 124 3.94 -44.21 2.43
C MSE B 124 3.80 -44.88 3.80
O MSE B 124 2.70 -45.24 4.24
CB MSE B 124 4.17 -42.68 2.61
CG MSE B 124 3.03 -41.95 3.35
SE MSE B 124 2.91 -40.00 3.10
CE MSE B 124 1.01 -39.88 2.78
N ASN B 125 4.94 -45.04 4.46
CA ASN B 125 4.94 -45.51 5.85
C ASN B 125 5.33 -44.43 6.87
N ASN B 126 5.66 -43.22 6.41
CA ASN B 126 6.24 -42.20 7.27
C ASN B 126 5.51 -40.86 7.24
N SER B 127 4.18 -40.86 7.29
CA SER B 127 3.45 -39.59 7.22
C SER B 127 3.77 -38.69 8.42
N LYS B 128 3.76 -39.26 9.63
CA LYS B 128 4.03 -38.51 10.86
C LYS B 128 5.41 -37.87 10.82
N GLU B 129 6.34 -38.58 10.20
CA GLU B 129 7.74 -38.18 10.17
C GLU B 129 7.96 -37.05 9.14
N LEU B 130 7.25 -37.12 8.04
CA LEU B 130 7.33 -36.09 7.02
C LEU B 130 6.69 -34.85 7.57
N TYR B 131 5.57 -35.01 8.27
CA TYR B 131 4.94 -33.86 8.88
C TYR B 131 5.95 -33.17 9.79
N MSE B 132 6.57 -33.94 10.66
CA MSE B 132 7.51 -33.39 11.61
C MSE B 132 8.72 -32.73 10.91
O MSE B 132 9.22 -31.71 11.35
CB MSE B 132 7.96 -34.49 12.61
CG MSE B 132 6.95 -34.74 13.75
SE MSE B 132 6.49 -33.11 14.80
CE MSE B 132 8.31 -32.31 14.96
N LYS B 133 9.19 -33.34 9.84
CA LYS B 133 10.25 -32.75 9.03
C LYS B 133 9.81 -31.39 8.49
N GLY B 134 8.53 -31.29 8.18
CA GLY B 134 8.00 -30.11 7.56
C GLY B 134 7.91 -29.02 8.58
N TYR B 135 7.44 -29.38 9.78
CA TYR B 135 7.34 -28.46 10.93
C TYR B 135 8.67 -27.88 11.33
N LEU B 136 9.61 -28.77 11.51
CA LEU B 136 10.94 -28.42 11.90
C LEU B 136 11.58 -27.53 10.90
N LEU B 137 11.45 -27.85 9.64
CA LEU B 137 11.95 -26.97 8.57
C LEU B 137 11.27 -25.60 8.68
N GLY B 138 9.97 -25.62 8.85
CA GLY B 138 9.24 -24.38 9.03
C GLY B 138 9.92 -23.44 10.02
N LYS B 139 10.16 -23.93 11.23
CA LYS B 139 10.83 -23.11 12.25
C LYS B 139 12.12 -22.45 11.80
N ASN B 140 12.80 -23.01 10.81
CA ASN B 140 14.02 -22.36 10.37
C ASN B 140 13.89 -21.47 9.16
N LEU B 141 12.67 -21.25 8.75
CA LEU B 141 12.40 -20.37 7.63
C LEU B 141 11.87 -19.06 8.21
N ASP B 142 12.56 -17.98 7.94
CA ASP B 142 12.10 -16.75 8.47
C ASP B 142 11.40 -15.95 7.42
N ALA B 143 10.17 -15.60 7.66
CA ALA B 143 9.45 -14.78 6.72
C ALA B 143 8.21 -14.39 7.45
N GLU B 144 7.62 -13.28 7.04
CA GLU B 144 6.41 -12.83 7.70
C GLU B 144 5.18 -13.55 7.23
N LEU B 145 5.22 -14.12 6.03
CA LEU B 145 4.07 -14.81 5.46
C LEU B 145 4.55 -15.95 4.59
N LEU B 146 3.85 -17.10 4.64
CA LEU B 146 4.22 -18.28 3.84
C LEU B 146 3.21 -18.50 2.71
N ILE B 147 3.74 -18.55 1.48
CA ILE B 147 2.95 -19.03 0.36
C ILE B 147 3.45 -20.40 -0.12
N VAL B 148 2.66 -21.43 0.19
CA VAL B 148 3.12 -22.78 -0.09
C VAL B 148 2.33 -23.43 -1.21
N GLY B 149 3.00 -23.70 -2.32
CA GLY B 149 2.33 -24.33 -3.46
C GLY B 149 2.82 -25.76 -3.68
N GLU B 150 2.29 -26.38 -4.71
CA GLU B 150 2.38 -27.79 -4.92
C GLU B 150 2.50 -28.10 -6.41
N SER B 151 3.33 -29.10 -6.74
CA SER B 151 3.34 -29.69 -8.07
C SER B 151 3.50 -31.21 -7.98
N VAL B 152 2.36 -31.89 -7.88
CA VAL B 152 2.37 -33.33 -7.84
C VAL B 152 1.33 -33.94 -8.82
N PRO B 153 1.83 -34.59 -9.88
CA PRO B 153 0.96 -35.44 -10.69
C PRO B 153 0.90 -36.84 -10.06
N GLY B 154 -0.29 -37.31 -9.65
CA GLY B 154 -1.57 -36.68 -9.81
C GLY B 154 -2.22 -36.58 -8.44
N GLY B 155 -1.97 -35.44 -7.78
CA GLY B 155 -2.44 -35.25 -6.43
C GLY B 155 -3.94 -35.11 -6.30
N THR B 156 -4.60 -35.01 -7.44
CA THR B 156 -6.05 -34.92 -7.44
C THR B 156 -6.66 -36.22 -6.91
N THR B 157 -5.98 -37.36 -7.09
CA THR B 157 -6.61 -38.60 -6.66
C THR B 157 -6.31 -38.85 -5.18
N THR B 158 -5.04 -38.69 -4.81
CA THR B 158 -4.64 -38.72 -3.42
C THR B 158 -5.51 -37.82 -2.57
N ALA B 159 -5.64 -36.57 -3.02
CA ALA B 159 -6.57 -35.60 -2.48
C ALA B 159 -7.95 -36.20 -2.24
N LEU B 160 -8.48 -36.82 -3.28
CA LEU B 160 -9.76 -37.46 -3.12
C LEU B 160 -9.70 -38.58 -2.06
N GLY B 161 -8.66 -39.41 -2.17
CA GLY B 161 -8.53 -40.51 -1.27
C GLY B 161 -8.47 -40.09 0.17
N VAL B 162 -7.65 -39.08 0.44
CA VAL B 162 -7.50 -38.61 1.80
C VAL B 162 -8.82 -38.07 2.35
N LEU B 163 -9.55 -37.32 1.56
CA LEU B 163 -10.80 -36.74 2.02
C LEU B 163 -11.84 -37.80 2.33
N LEU B 164 -11.96 -38.78 1.45
CA LEU B 164 -12.96 -39.79 1.69
C LEU B 164 -12.56 -40.55 2.94
N GLY B 165 -11.28 -40.91 3.02
CA GLY B 165 -10.74 -41.57 4.20
C GLY B 165 -11.07 -40.89 5.52
N LEU B 166 -11.07 -39.56 5.56
CA LEU B 166 -11.33 -38.84 6.80
C LEU B 166 -12.83 -38.67 7.09
N GLY B 167 -13.66 -39.19 6.18
CA GLY B 167 -15.10 -39.21 6.38
C GLY B 167 -15.82 -38.09 5.66
N TYR B 168 -15.11 -37.40 4.77
CA TYR B 168 -15.70 -36.24 4.11
C TYR B 168 -16.42 -36.68 2.87
N ASP B 169 -17.37 -35.86 2.45
CA ASP B 169 -18.06 -36.05 1.18
C ASP B 169 -17.34 -35.29 0.08
N ALA B 170 -16.53 -36.00 -0.70
CA ALA B 170 -15.67 -35.39 -1.71
C ALA B 170 -15.86 -35.89 -3.16
N GLU B 171 -16.82 -36.79 -3.40
CA GLU B 171 -16.96 -37.44 -4.73
C GLU B 171 -17.04 -36.47 -5.93
N GLY B 172 -18.01 -35.55 -5.88
CA GLY B 172 -18.23 -34.63 -7.00
C GLY B 172 -17.13 -33.61 -7.35
N LYS B 173 -16.14 -33.42 -6.45
CA LYS B 173 -15.28 -32.22 -6.48
C LYS B 173 -13.79 -32.49 -6.67
N VAL B 174 -13.23 -32.02 -7.79
CA VAL B 174 -11.78 -32.09 -8.09
C VAL B 174 -11.47 -31.89 -9.60
N ILE B 179 -10.19 -31.34 -20.01
CA ILE B 179 -11.56 -31.75 -20.32
C ILE B 179 -11.85 -33.20 -19.88
N ASN B 180 -10.84 -34.05 -19.89
CA ASN B 180 -11.00 -35.47 -19.56
C ASN B 180 -10.84 -35.69 -18.05
N ASN B 181 -11.92 -36.07 -17.38
CA ASN B 181 -11.84 -36.46 -15.99
C ASN B 181 -12.02 -37.97 -15.90
N PRO B 182 -10.91 -38.70 -15.66
CA PRO B 182 -10.97 -40.13 -15.35
C PRO B 182 -11.64 -40.44 -14.00
N HIS B 183 -12.70 -39.71 -13.64
CA HIS B 183 -13.30 -39.79 -12.30
C HIS B 183 -13.46 -41.25 -11.81
N GLU B 184 -13.88 -42.11 -12.74
CA GLU B 184 -14.27 -43.48 -12.43
C GLU B 184 -13.05 -44.22 -11.93
N LEU B 185 -11.96 -44.09 -12.68
CA LEU B 185 -10.69 -44.71 -12.35
C LEU B 185 -10.23 -44.21 -10.99
N LYS B 186 -10.10 -42.88 -10.86
CA LYS B 186 -9.66 -42.22 -9.63
C LYS B 186 -10.30 -42.80 -8.37
N ILE B 187 -11.62 -42.76 -8.29
CA ILE B 187 -12.25 -43.27 -7.07
C ILE B 187 -12.17 -44.80 -7.02
N LYS B 188 -12.01 -45.44 -8.17
CA LYS B 188 -11.78 -46.89 -8.16
C LYS B 188 -10.48 -47.10 -7.42
N VAL B 189 -9.38 -46.57 -7.99
CA VAL B 189 -8.05 -46.58 -7.32
C VAL B 189 -8.12 -46.27 -5.83
N VAL B 190 -8.93 -45.27 -5.48
CA VAL B 190 -8.91 -44.72 -4.12
C VAL B 190 -9.72 -45.60 -3.17
N ARG B 191 -10.88 -46.09 -3.61
CA ARG B 191 -11.64 -47.03 -2.78
C ARG B 191 -10.89 -48.36 -2.55
N GLU B 192 -10.13 -48.77 -3.54
CA GLU B 192 -9.31 -49.99 -3.48
C GLU B 192 -8.21 -49.89 -2.43
N GLY B 193 -7.47 -48.79 -2.46
CA GLY B 193 -6.41 -48.53 -1.48
C GLY B 193 -6.91 -48.40 -0.05
N LEU B 194 -7.99 -47.65 0.12
CA LEU B 194 -8.61 -47.49 1.43
C LEU B 194 -9.02 -48.84 2.01
N LYS B 195 -9.54 -49.73 1.16
CA LYS B 195 -9.88 -51.10 1.57
C LYS B 195 -8.63 -51.93 1.93
N LYS B 196 -7.65 -51.96 1.02
CA LYS B 196 -6.42 -52.74 1.22
C LYS B 196 -5.59 -52.28 2.46
N ALA B 197 -5.85 -51.07 2.96
CA ALA B 197 -5.25 -50.57 4.18
C ALA B 197 -6.21 -50.67 5.38
N GLY B 198 -7.47 -51.02 5.13
CA GLY B 198 -8.42 -51.27 6.21
C GLY B 198 -8.71 -50.04 7.05
N ILE B 199 -9.03 -48.95 6.37
CA ILE B 199 -9.25 -47.66 7.02
C ILE B 199 -10.69 -47.58 7.56
N ASN B 200 -10.82 -47.31 8.86
CA ASN B 200 -12.11 -47.16 9.52
C ASN B 200 -12.25 -45.72 9.99
N GLU B 201 -13.35 -45.39 10.66
CA GLU B 201 -13.47 -44.11 11.35
C GLU B 201 -12.34 -43.93 12.37
N LYS B 202 -11.91 -45.04 12.99
CA LYS B 202 -10.82 -45.08 14.00
C LYS B 202 -9.41 -44.82 13.43
N SER B 203 -9.31 -44.68 12.11
CA SER B 203 -8.00 -44.48 11.50
C SER B 203 -7.45 -43.08 11.83
N SER B 204 -6.14 -43.00 12.07
CA SER B 204 -5.51 -41.69 12.31
C SER B 204 -5.14 -41.03 10.97
N VAL B 205 -5.38 -39.73 10.85
CA VAL B 205 -4.97 -38.96 9.67
C VAL B 205 -3.66 -39.51 9.08
N PHE B 206 -2.75 -39.91 9.95
CA PHE B 206 -1.47 -40.36 9.49
C PHE B 206 -1.60 -41.70 8.81
N ASP B 207 -2.48 -42.56 9.33
CA ASP B 207 -2.78 -43.81 8.63
C ASP B 207 -3.33 -43.45 7.24
N VAL B 208 -4.48 -42.77 7.22
CA VAL B 208 -5.09 -42.38 5.96
C VAL B 208 -4.00 -41.95 4.99
N LEU B 209 -3.14 -41.04 5.44
CA LEU B 209 -2.05 -40.59 4.61
C LEU B 209 -1.17 -41.74 4.12
N ASN B 210 -0.77 -42.62 5.04
CA ASN B 210 0.08 -43.76 4.69
C ASN B 210 -0.58 -44.67 3.65
N ALA B 211 -1.89 -44.86 3.76
CA ALA B 211 -2.67 -45.55 2.74
C ALA B 211 -2.67 -44.86 1.36
N VAL B 212 -3.37 -43.71 1.27
CA VAL B 212 -3.74 -43.06 -0.01
C VAL B 212 -3.18 -41.64 -0.25
N GLY B 213 -2.62 -41.00 0.76
CA GLY B 213 -2.08 -39.67 0.56
C GLY B 213 -0.88 -39.56 -0.38
N ASP B 214 -0.41 -38.33 -0.58
CA ASP B 214 0.91 -38.08 -1.19
C ASP B 214 1.87 -37.37 -0.20
N LYS B 215 3.15 -37.41 -0.53
CA LYS B 215 4.25 -36.97 0.30
C LYS B 215 4.27 -35.44 0.50
N MSE B 216 3.69 -34.72 -0.43
CA MSE B 216 3.59 -33.30 -0.31
C MSE B 216 2.70 -32.92 0.86
O MSE B 216 3.01 -31.95 1.52
CB MSE B 216 3.03 -32.70 -1.59
CG MSE B 216 2.70 -31.21 -1.55
SE MSE B 216 0.93 -30.89 -0.89
CE MSE B 216 -0.28 -31.62 -2.24
N MSE B 217 1.61 -33.66 1.08
CA MSE B 217 0.55 -33.17 1.96
C MSE B 217 1.05 -32.94 3.38
O MSE B 217 0.89 -31.86 3.96
CB MSE B 217 -0.63 -34.12 1.99
CG MSE B 217 -1.16 -34.49 0.60
SE MSE B 217 -2.77 -35.59 0.62
CE MSE B 217 -3.95 -34.53 1.71
N PRO B 218 1.68 -33.97 3.96
CA PRO B 218 2.04 -33.88 5.37
C PRO B 218 3.13 -32.85 5.54
N VAL B 219 4.03 -32.75 4.57
CA VAL B 219 5.07 -31.74 4.61
C VAL B 219 4.48 -30.33 4.63
N VAL B 220 3.47 -30.11 3.80
CA VAL B 220 2.80 -28.82 3.74
C VAL B 220 1.99 -28.57 4.98
N ALA B 221 1.47 -29.62 5.61
CA ALA B 221 0.71 -29.42 6.86
C ALA B 221 1.69 -28.97 7.90
N GLY B 222 2.84 -29.61 7.90
CA GLY B 222 3.91 -29.22 8.83
C GLY B 222 4.30 -27.76 8.68
N LEU B 223 4.55 -27.33 7.45
CA LEU B 223 4.95 -25.98 7.20
C LEU B 223 3.85 -25.02 7.66
N ALA B 224 2.60 -25.33 7.34
CA ALA B 224 1.55 -24.35 7.59
C ALA B 224 1.40 -24.15 9.07
N ILE B 225 1.35 -25.26 9.78
CA ILE B 225 1.16 -25.22 11.23
C ILE B 225 2.31 -24.50 11.91
N SER B 226 3.52 -24.70 11.39
CA SER B 226 4.68 -24.06 11.98
C SER B 226 4.58 -22.53 11.89
N PHE B 227 4.13 -22.01 10.74
CA PHE B 227 3.97 -20.57 10.56
C PHE B 227 2.78 -20.04 11.26
N ALA B 228 1.69 -20.79 11.20
CA ALA B 228 0.48 -20.39 11.88
C ALA B 228 0.76 -20.33 13.40
N GLU B 229 1.51 -21.28 13.93
CA GLU B 229 1.82 -21.28 15.37
C GLU B 229 2.71 -20.11 15.81
N ARG B 230 3.41 -19.48 14.88
CA ARG B 230 4.17 -18.28 15.15
C ARG B 230 3.41 -17.01 14.77
N ASN B 231 2.11 -17.15 14.54
CA ASN B 231 1.27 -15.99 14.29
C ASN B 231 1.64 -15.37 12.99
N LYS B 232 2.01 -16.21 12.04
CA LYS B 232 2.25 -15.77 10.67
C LYS B 232 1.24 -16.36 9.69
N PRO B 233 0.75 -15.53 8.78
CA PRO B 233 -0.20 -15.97 7.79
C PRO B 233 0.35 -17.05 6.84
N VAL B 234 -0.53 -17.98 6.47
CA VAL B 234 -0.17 -18.96 5.49
C VAL B 234 -1.13 -18.97 4.32
N ILE B 235 -0.60 -18.90 3.12
CA ILE B 235 -1.45 -19.09 1.97
C ILE B 235 -1.18 -20.49 1.37
N LEU B 236 -2.21 -21.34 1.46
CA LEU B 236 -2.14 -22.66 0.88
C LEU B 236 -2.41 -22.50 -0.62
N ALA B 237 -1.34 -22.40 -1.39
CA ALA B 237 -1.43 -22.00 -2.79
C ALA B 237 -1.82 -23.17 -3.66
N GLY B 238 -3.11 -23.43 -3.75
CA GLY B 238 -3.63 -24.35 -4.73
C GLY B 238 -5.12 -24.51 -4.69
N GLY B 239 -5.64 -25.42 -5.49
CA GLY B 239 -7.07 -25.66 -5.53
C GLY B 239 -7.61 -26.71 -4.58
N THR B 240 -8.08 -27.80 -5.17
CA THR B 240 -8.84 -28.82 -4.48
C THR B 240 -7.90 -29.73 -3.69
N GLN B 241 -6.68 -29.87 -4.19
CA GLN B 241 -5.65 -30.59 -3.48
C GLN B 241 -5.44 -30.01 -2.08
N MSE B 242 -5.47 -28.67 -1.98
CA MSE B 242 -5.21 -27.98 -0.67
C MSE B 242 -6.36 -28.06 0.29
O MSE B 242 -6.15 -27.90 1.51
CB MSE B 242 -4.81 -26.54 -0.85
CG MSE B 242 -3.56 -26.38 -1.62
SE MSE B 242 -1.93 -26.82 -0.65
CE MSE B 242 -1.82 -28.71 -0.99
N SER B 243 -7.58 -28.32 -0.21
CA SER B 243 -8.68 -28.67 0.70
C SER B 243 -8.28 -29.94 1.45
N ALA B 244 -7.60 -30.84 0.74
CA ALA B 244 -7.11 -32.06 1.35
C ALA B 244 -6.07 -31.69 2.39
N VAL B 245 -5.08 -30.85 2.04
CA VAL B 245 -4.08 -30.45 3.03
C VAL B 245 -4.77 -29.77 4.23
N LEU B 246 -5.73 -28.91 3.94
CA LEU B 246 -6.51 -28.28 4.99
C LEU B 246 -7.17 -29.30 5.93
N ALA B 247 -7.69 -30.38 5.35
CA ALA B 247 -8.35 -31.39 6.16
C ALA B 247 -7.32 -32.04 7.08
N VAL B 248 -6.13 -32.31 6.53
CA VAL B 248 -5.07 -32.99 7.26
C VAL B 248 -4.69 -32.11 8.42
N ILE B 249 -4.45 -30.84 8.13
CA ILE B 249 -4.17 -29.85 9.18
C ILE B 249 -5.24 -29.87 10.28
N LYS B 250 -6.51 -29.82 9.91
CA LYS B 250 -7.53 -29.85 10.93
C LYS B 250 -7.39 -31.04 11.85
N GLU B 251 -7.04 -32.22 11.33
CA GLU B 251 -6.91 -33.39 12.21
C GLU B 251 -5.74 -33.25 13.16
N ILE B 252 -4.58 -32.86 12.66
CA ILE B 252 -3.34 -32.79 13.49
C ILE B 252 -3.43 -31.75 14.62
N ASN B 253 -4.11 -30.64 14.32
CA ASN B 253 -4.16 -29.51 15.22
C ASN B 253 -5.44 -28.77 14.91
N LYS B 254 -6.54 -29.25 15.47
CA LYS B 254 -7.84 -28.63 15.22
C LYS B 254 -7.76 -27.13 15.50
N LYS B 255 -7.03 -26.77 16.55
CA LYS B 255 -7.04 -25.43 17.10
C LYS B 255 -6.53 -24.37 16.13
N VAL B 256 -5.61 -24.72 15.25
CA VAL B 256 -4.96 -23.68 14.48
C VAL B 256 -5.89 -22.96 13.51
N LEU B 257 -6.97 -23.60 13.11
CA LEU B 257 -7.90 -22.96 12.20
C LEU B 257 -8.72 -21.90 12.89
N ASP B 258 -8.78 -21.97 14.21
CA ASP B 258 -9.54 -21.01 14.98
C ASP B 258 -8.83 -19.65 14.99
N LYS B 259 -7.51 -19.65 14.90
CA LYS B 259 -6.76 -18.44 14.50
C LYS B 259 -7.13 -18.26 13.05
N ASN B 260 -7.37 -17.05 12.57
CA ASN B 260 -7.77 -16.96 11.16
C ASN B 260 -6.51 -16.75 10.37
N LEU B 261 -5.66 -17.77 10.30
CA LEU B 261 -4.28 -17.59 9.81
C LEU B 261 -3.88 -18.44 8.60
N ILE B 262 -4.79 -19.29 8.17
CA ILE B 262 -4.49 -20.22 7.10
C ILE B 262 -5.59 -20.07 6.07
N ALA B 263 -5.24 -19.64 4.88
CA ALA B 263 -6.22 -19.46 3.80
C ALA B 263 -5.86 -20.37 2.62
N ILE B 264 -6.84 -20.66 1.77
CA ILE B 264 -6.58 -21.30 0.49
C ILE B 264 -6.60 -20.23 -0.53
N GLY B 265 -5.53 -20.15 -1.31
CA GLY B 265 -5.45 -19.17 -2.40
C GLY B 265 -5.39 -19.89 -3.74
N THR B 266 -6.32 -19.57 -4.61
CA THR B 266 -6.52 -20.29 -5.84
C THR B 266 -6.83 -19.33 -7.00
N THR B 267 -7.02 -19.88 -8.22
CA THR B 267 -7.40 -19.10 -9.39
C THR B 267 -8.91 -19.04 -9.51
N GLU B 268 -9.41 -17.97 -10.14
CA GLU B 268 -10.84 -17.86 -10.46
C GLU B 268 -11.36 -19.13 -11.13
N PHE B 269 -10.58 -19.66 -12.06
CA PHE B 269 -10.97 -20.85 -12.84
C PHE B 269 -11.36 -21.98 -11.92
N VAL B 270 -10.54 -22.22 -10.90
CA VAL B 270 -10.82 -23.29 -9.97
C VAL B 270 -12.07 -22.98 -9.16
N LEU B 271 -12.17 -21.78 -8.66
CA LEU B 271 -13.31 -21.44 -7.84
C LEU B 271 -14.59 -21.55 -8.68
N ASN B 272 -14.56 -21.08 -9.93
CA ASN B 272 -15.75 -21.05 -10.83
C ASN B 272 -16.00 -22.35 -11.67
N ASP B 273 -15.09 -23.32 -11.57
CA ASP B 273 -15.19 -24.59 -12.29
C ASP B 273 -16.54 -25.24 -11.95
N LYS B 274 -17.29 -25.57 -13.00
CA LYS B 274 -18.57 -26.25 -12.90
C LYS B 274 -18.39 -27.69 -12.38
N LYS B 275 -17.43 -28.42 -12.96
CA LYS B 275 -17.19 -29.83 -12.61
C LYS B 275 -16.95 -30.11 -11.12
N GLY B 276 -16.28 -29.17 -10.44
CA GLY B 276 -15.81 -29.33 -9.05
C GLY B 276 -16.40 -28.32 -8.07
N ASP B 277 -16.04 -28.48 -6.79
CA ASP B 277 -16.67 -27.73 -5.70
C ASP B 277 -15.72 -27.48 -4.50
N LEU B 278 -14.65 -26.74 -4.75
CA LEU B 278 -13.71 -26.39 -3.68
C LEU B 278 -14.47 -25.76 -2.52
N LYS B 279 -15.40 -24.85 -2.81
CA LYS B 279 -16.15 -24.17 -1.75
C LYS B 279 -16.90 -25.20 -0.91
N GLY B 280 -17.58 -26.12 -1.59
CA GLY B 280 -18.33 -27.15 -0.89
C GLY B 280 -17.46 -27.96 0.05
N ILE B 281 -16.23 -28.27 -0.38
CA ILE B 281 -15.33 -29.09 0.44
C ILE B 281 -14.95 -28.29 1.66
N VAL B 282 -14.50 -27.06 1.46
CA VAL B 282 -14.06 -26.24 2.58
C VAL B 282 -15.14 -26.02 3.63
N GLU B 283 -16.39 -25.82 3.22
CA GLU B 283 -17.47 -25.67 4.21
C GLU B 283 -17.64 -26.94 5.06
N GLN B 284 -17.10 -28.08 4.64
CA GLN B 284 -17.12 -29.24 5.53
C GLN B 284 -16.00 -29.14 6.55
N ILE B 285 -14.91 -28.47 6.18
CA ILE B 285 -13.73 -28.48 7.03
C ILE B 285 -13.83 -27.45 8.16
N GLY B 286 -14.25 -26.25 7.81
CA GLY B 286 -14.55 -25.23 8.79
C GLY B 286 -14.56 -23.88 8.09
N ASN B 287 -14.65 -22.80 8.87
CA ASN B 287 -14.64 -21.50 8.28
C ASN B 287 -13.21 -21.06 8.04
N VAL B 288 -12.82 -20.99 6.77
CA VAL B 288 -11.45 -20.73 6.38
C VAL B 288 -11.53 -19.88 5.14
N PRO B 289 -10.75 -18.80 5.06
CA PRO B 289 -10.95 -17.99 3.88
C PRO B 289 -10.49 -18.71 2.63
N VAL B 290 -11.24 -18.49 1.55
CA VAL B 290 -10.89 -19.01 0.24
C VAL B 290 -10.82 -17.81 -0.68
N LEU B 291 -9.68 -17.64 -1.33
CA LEU B 291 -9.32 -16.47 -2.09
C LEU B 291 -8.86 -16.86 -3.48
N ALA B 292 -9.31 -16.13 -4.50
CA ALA B 292 -9.09 -16.51 -5.90
C ALA B 292 -8.57 -15.33 -6.69
N SER B 293 -7.47 -15.52 -7.40
CA SER B 293 -6.93 -14.49 -8.28
C SER B 293 -7.71 -14.45 -9.61
N LYS B 294 -7.96 -13.22 -10.09
CA LYS B 294 -8.57 -12.93 -11.39
C LYS B 294 -7.51 -12.35 -12.27
N PHE B 295 -7.42 -12.82 -13.53
CA PHE B 295 -6.34 -12.38 -14.44
C PHE B 295 -6.81 -11.61 -15.67
N TYR B 296 -8.12 -11.55 -15.88
CA TYR B 296 -8.66 -10.80 -17.02
C TYR B 296 -8.03 -11.30 -18.31
N PHE B 297 -7.98 -12.62 -18.42
CA PHE B 297 -7.35 -13.27 -19.55
C PHE B 297 -8.19 -13.13 -20.85
N GLU B 298 -9.49 -12.86 -20.71
CA GLU B 298 -10.34 -12.51 -21.89
C GLU B 298 -9.69 -11.37 -22.63
N LYS B 299 -9.49 -10.25 -21.93
CA LYS B 299 -8.82 -9.07 -22.47
C LYS B 299 -7.44 -9.32 -23.11
N ALA B 300 -6.95 -10.56 -23.11
CA ALA B 300 -5.58 -10.85 -23.56
C ALA B 300 -5.41 -10.86 -25.09
N LYS B 301 -4.21 -10.48 -25.53
CA LYS B 301 -3.85 -10.57 -26.94
C LYS B 301 -3.92 -12.02 -27.48
N ILE B 302 -3.09 -12.92 -26.93
CA ILE B 302 -2.93 -14.30 -27.40
C ILE B 302 -4.16 -15.20 -27.12
N GLU B 303 -4.54 -16.03 -28.11
CA GLU B 303 -5.66 -16.99 -27.95
C GLU B 303 -5.39 -17.91 -26.76
N GLY B 304 -4.12 -18.33 -26.60
CA GLY B 304 -3.67 -19.15 -25.49
C GLY B 304 -4.26 -18.73 -24.15
N LEU B 305 -4.14 -17.43 -23.87
CA LEU B 305 -4.65 -16.88 -22.63
C LEU B 305 -6.15 -16.60 -22.75
N LYS B 306 -6.65 -16.15 -23.92
CA LYS B 306 -8.08 -15.83 -24.06
C LYS B 306 -8.97 -17.06 -23.82
N ASN B 307 -8.42 -18.26 -24.02
CA ASN B 307 -9.13 -19.55 -23.90
C ASN B 307 -8.62 -20.40 -22.70
N TYR B 308 -7.95 -19.72 -21.76
CA TYR B 308 -7.46 -20.34 -20.51
C TYR B 308 -8.61 -20.95 -19.71
N CYS B 309 -9.73 -20.22 -19.64
CA CYS B 309 -10.96 -20.69 -18.97
C CYS B 309 -11.44 -22.00 -19.57
N LYS B 310 -11.25 -22.17 -20.88
CA LYS B 310 -11.76 -23.32 -21.59
C LYS B 310 -10.73 -24.43 -21.48
N GLY B 311 -11.18 -25.66 -21.69
CA GLY B 311 -10.28 -26.82 -21.68
C GLY B 311 -10.20 -27.45 -20.31
N SER B 312 -8.98 -27.69 -19.81
CA SER B 312 -8.78 -28.26 -18.46
C SER B 312 -8.57 -27.17 -17.41
N VAL B 313 -9.03 -27.44 -16.18
CA VAL B 313 -8.98 -26.46 -15.07
C VAL B 313 -7.56 -26.21 -14.64
N LYS B 314 -7.10 -24.98 -14.86
CA LYS B 314 -5.69 -24.71 -14.73
C LYS B 314 -5.38 -24.03 -13.41
N GLU B 315 -4.41 -24.62 -12.73
CA GLU B 315 -3.95 -24.27 -11.37
C GLU B 315 -2.78 -25.22 -11.07
N GLY B 316 -1.85 -24.77 -10.24
CA GLY B 316 -0.73 -25.59 -9.78
C GLY B 316 0.51 -24.74 -9.70
N VAL B 317 1.56 -25.30 -9.14
CA VAL B 317 2.78 -24.55 -8.85
C VAL B 317 2.49 -23.25 -8.07
N GLY B 318 1.41 -23.29 -7.28
CA GLY B 318 1.03 -22.19 -6.44
C GLY B 318 0.64 -20.93 -7.16
N ALA B 319 0.34 -21.04 -8.44
CA ALA B 319 0.01 -19.86 -9.24
C ALA B 319 -1.19 -19.03 -8.70
N GLY B 320 -2.30 -19.65 -8.35
CA GLY B 320 -3.50 -18.92 -7.92
C GLY B 320 -3.15 -18.04 -6.73
N GLY B 321 -2.72 -18.67 -5.64
CA GLY B 321 -2.39 -17.99 -4.40
C GLY B 321 -1.24 -16.99 -4.51
N ILE B 322 -0.22 -17.28 -5.31
CA ILE B 322 0.88 -16.34 -5.34
C ILE B 322 0.35 -15.07 -6.02
N ALA B 323 -0.64 -15.23 -6.89
CA ALA B 323 -1.30 -14.05 -7.53
C ALA B 323 -2.15 -13.30 -6.48
N VAL B 324 -2.91 -14.04 -5.67
CA VAL B 324 -3.67 -13.42 -4.65
C VAL B 324 -2.75 -12.51 -3.81
N TYR B 325 -1.64 -13.07 -3.36
CA TYR B 325 -0.63 -12.29 -2.66
C TYR B 325 -0.19 -11.11 -3.50
N SER B 326 0.14 -11.33 -4.75
CA SER B 326 0.75 -10.25 -5.55
C SER B 326 -0.25 -9.12 -5.86
N ILE B 327 -1.46 -9.51 -6.21
CA ILE B 327 -2.54 -8.56 -6.50
C ILE B 327 -2.94 -7.76 -5.28
N VAL B 328 -3.00 -8.40 -4.12
CA VAL B 328 -3.36 -7.67 -2.91
C VAL B 328 -2.25 -6.68 -2.61
N ASN B 329 -1.01 -6.97 -2.96
CA ASN B 329 0.09 -6.04 -2.74
C ASN B 329 0.41 -5.21 -3.98
N ASP B 330 -0.63 -4.81 -4.71
CA ASP B 330 -0.58 -3.82 -5.82
C ASP B 330 -0.01 -4.27 -7.16
N LEU B 331 0.19 -5.55 -7.38
CA LEU B 331 0.47 -5.96 -8.75
C LEU B 331 -0.85 -6.10 -9.49
N GLU B 332 -0.87 -5.66 -10.71
CA GLU B 332 -2.10 -5.68 -11.44
C GLU B 332 -2.02 -6.72 -12.49
N PRO B 333 -3.09 -7.50 -12.67
CA PRO B 333 -3.10 -8.65 -13.59
C PRO B 333 -2.53 -8.35 -14.97
N THR B 334 -2.85 -7.19 -15.50
CA THR B 334 -2.29 -6.77 -16.76
C THR B 334 -0.81 -7.05 -16.80
N LYS B 335 -0.14 -6.81 -15.69
CA LYS B 335 1.30 -7.00 -15.66
C LYS B 335 1.70 -8.47 -15.65
N ILE B 336 0.89 -9.32 -15.03
CA ILE B 336 1.15 -10.76 -15.02
C ILE B 336 1.05 -11.22 -16.48
N ARG B 337 -0.04 -10.79 -17.11
CA ARG B 337 -0.31 -11.16 -18.48
C ARG B 337 0.76 -10.65 -19.43
N GLU B 338 1.22 -9.41 -19.26
CA GLU B 338 2.25 -8.86 -20.16
C GLU B 338 3.55 -9.57 -19.94
N PHE B 339 3.80 -9.97 -18.71
CA PHE B 339 4.99 -10.74 -18.41
C PHE B 339 5.01 -12.09 -19.19
N ILE B 340 3.94 -12.85 -19.08
CA ILE B 340 3.76 -14.11 -19.76
C ILE B 340 3.90 -13.99 -21.30
N GLU B 341 3.19 -13.02 -21.84
CA GLU B 341 3.26 -12.69 -23.24
C GLU B 341 4.69 -12.35 -23.69
N ASN B 342 5.36 -11.44 -22.98
CA ASN B 342 6.69 -10.97 -23.36
C ASN B 342 7.77 -12.04 -23.19
N LYS B 343 7.64 -12.89 -22.17
CA LYS B 343 8.67 -13.87 -21.88
C LYS B 343 8.48 -15.21 -22.61
N PHE B 344 7.24 -15.66 -22.78
CA PHE B 344 7.02 -17.01 -23.32
C PHE B 344 6.52 -17.11 -24.79
N TYR B 345 6.16 -15.97 -25.40
CA TYR B 345 5.55 -15.96 -26.73
C TYR B 345 6.39 -15.26 -27.86
N GLU B 346 6.15 -15.75 -29.08
CA GLU B 346 6.99 -15.59 -30.28
C GLU B 346 7.20 -16.99 -30.90
N MSE C 1 -1.38 2.64 -12.39
CA MSE C 1 -0.54 2.74 -13.58
C MSE C 1 -0.82 4.00 -14.37
O MSE C 1 -1.49 3.97 -15.40
CB MSE C 1 -0.70 1.52 -14.47
N SER C 2 -0.29 5.10 -13.87
CA SER C 2 -0.28 6.33 -14.60
C SER C 2 1.16 6.53 -14.82
N ILE C 3 1.81 5.47 -15.22
CA ILE C 3 3.23 5.49 -15.39
C ILE C 3 3.57 4.68 -16.60
N ILE C 4 4.59 5.10 -17.33
CA ILE C 4 5.02 4.33 -18.49
C ILE C 4 6.31 3.66 -18.08
N ALA C 5 6.37 2.33 -18.18
CA ALA C 5 7.54 1.58 -17.71
C ALA C 5 8.18 0.69 -18.79
N ILE C 6 9.33 1.14 -19.27
CA ILE C 6 10.17 0.36 -20.12
C ILE C 6 11.04 -0.58 -19.25
N ASN C 7 10.97 -1.88 -19.51
CA ASN C 7 11.87 -2.86 -18.89
C ASN C 7 11.82 -2.79 -17.39
N GLU C 8 10.60 -2.76 -16.87
CA GLU C 8 10.35 -2.74 -15.42
C GLU C 8 10.61 -4.17 -14.91
N ASN C 9 11.71 -4.38 -14.19
CA ASN C 9 12.06 -5.77 -13.83
C ASN C 9 11.85 -5.96 -12.35
N GLY C 10 10.64 -5.72 -11.87
CA GLY C 10 10.43 -5.60 -10.40
C GLY C 10 10.90 -4.29 -9.75
N PHE C 11 11.40 -3.34 -10.52
CA PHE C 11 11.86 -2.10 -9.95
C PHE C 11 10.73 -1.31 -9.27
N LEU C 12 9.53 -1.36 -9.82
CA LEU C 12 8.43 -0.64 -9.21
C LEU C 12 8.13 -1.15 -7.83
N ASP C 13 8.05 -2.48 -7.64
CA ASP C 13 7.87 -3.09 -6.31
C ASP C 13 8.96 -2.70 -5.32
N LYS C 14 10.19 -2.51 -5.79
CA LYS C 14 11.31 -2.11 -4.93
C LYS C 14 11.15 -0.75 -4.36
N ILE C 15 10.44 0.13 -5.04
CA ILE C 15 10.33 1.50 -4.56
C ILE C 15 9.03 1.70 -3.78
N LYS C 16 8.08 0.78 -3.90
CA LYS C 16 6.79 0.92 -3.25
C LYS C 16 6.99 0.79 -1.74
N GLY C 17 6.40 1.71 -0.99
CA GLY C 17 6.42 1.66 0.47
C GLY C 17 7.73 2.07 1.11
N ARG C 18 8.80 2.17 0.35
CA ARG C 18 10.08 2.56 0.91
C ARG C 18 10.18 4.07 1.20
N ASN C 19 11.03 4.38 2.17
CA ASN C 19 11.26 5.72 2.73
C ASN C 19 12.32 6.52 1.94
N PRO C 20 11.93 7.67 1.35
CA PRO C 20 12.81 8.36 0.38
C PRO C 20 13.55 9.58 0.86
N LEU C 21 14.69 9.83 0.23
CA LEU C 21 15.41 11.10 0.27
C LEU C 21 15.57 11.65 -1.14
N PHE C 22 15.13 12.90 -1.34
CA PHE C 22 15.25 13.55 -2.61
C PHE C 22 16.36 14.57 -2.56
N THR C 23 17.20 14.55 -3.56
CA THR C 23 18.20 15.57 -3.65
C THR C 23 18.38 16.02 -5.08
N CYS C 24 18.53 17.32 -5.26
CA CYS C 24 18.83 17.87 -6.58
C CYS C 24 20.22 18.42 -6.51
N VAL C 25 21.04 18.01 -7.45
CA VAL C 25 22.41 18.43 -7.55
C VAL C 25 22.43 19.55 -8.59
N ILE C 26 23.05 20.67 -8.26
CA ILE C 26 23.13 21.81 -9.18
C ILE C 26 24.56 22.13 -9.60
N SER C 27 24.70 22.68 -10.80
CA SER C 27 25.99 23.27 -11.26
C SER C 27 25.69 24.38 -12.23
N SER C 28 26.60 25.32 -12.41
CA SER C 28 26.55 26.16 -13.60
C SER C 28 27.79 25.91 -14.45
N ILE C 29 27.68 26.23 -15.74
CA ILE C 29 28.77 26.04 -16.72
C ILE C 29 29.27 27.37 -17.29
N GLU C 30 30.57 27.65 -17.22
CA GLU C 30 31.13 28.92 -17.76
C GLU C 30 30.71 29.11 -19.24
N THR C 31 30.95 28.09 -20.06
CA THR C 31 30.62 28.13 -21.49
C THR C 31 29.27 28.79 -21.70
N THR C 32 28.38 28.44 -20.82
CA THR C 32 27.03 28.90 -20.84
C THR C 32 26.90 30.46 -20.84
N LEU C 33 27.88 31.20 -20.32
CA LEU C 33 27.73 32.66 -20.13
C LEU C 33 28.04 33.50 -21.38
N SER C 34 28.64 32.87 -22.38
CA SER C 34 29.07 33.55 -23.60
C SER C 34 28.66 32.83 -24.88
N ILE C 35 28.40 31.53 -24.81
CA ILE C 35 27.80 30.82 -25.93
C ILE C 35 26.40 30.42 -25.49
N PRO C 36 25.37 30.68 -26.33
CA PRO C 36 23.98 30.43 -25.94
C PRO C 36 23.52 28.99 -26.17
N ILE C 37 24.13 28.06 -25.44
CA ILE C 37 23.78 26.63 -25.55
C ILE C 37 22.55 26.26 -24.73
N SER C 38 22.32 26.92 -23.60
CA SER C 38 21.19 26.59 -22.75
C SER C 38 19.90 27.23 -23.23
N GLY C 39 18.78 26.61 -22.86
CA GLY C 39 17.44 27.19 -23.01
C GLY C 39 17.05 28.25 -21.99
N VAL C 40 17.92 28.52 -21.03
CA VAL C 40 17.73 29.57 -20.05
C VAL C 40 18.56 30.71 -20.59
N HIS C 41 18.19 31.97 -20.39
CA HIS C 41 19.05 33.06 -20.94
C HIS C 41 19.88 33.79 -19.88
N ARG C 42 20.94 34.43 -20.33
CA ARG C 42 21.96 34.98 -19.47
C ARG C 42 21.40 35.92 -18.42
N ASP C 43 20.27 36.53 -18.66
CA ASP C 43 19.70 37.46 -17.66
C ASP C 43 19.34 36.71 -16.37
N VAL C 44 19.04 35.43 -16.53
CA VAL C 44 18.53 34.67 -15.45
C VAL C 44 19.39 33.38 -15.13
N ILE C 45 20.28 32.97 -16.04
CA ILE C 45 20.94 31.65 -15.98
C ILE C 45 21.77 31.42 -14.71
N LYS C 46 22.39 32.47 -14.22
CA LYS C 46 23.16 32.38 -13.01
C LYS C 46 22.33 32.10 -11.81
N TYR C 47 21.06 32.49 -11.79
CA TYR C 47 20.29 32.44 -10.55
C TYR C 47 19.27 31.29 -10.45
N THR C 48 18.96 30.64 -11.55
CA THR C 48 17.84 29.69 -11.56
C THR C 48 18.05 28.45 -10.67
N PRO C 49 19.20 27.76 -10.81
CA PRO C 49 19.36 26.49 -10.07
C PRO C 49 19.13 26.62 -8.57
N SER C 50 19.62 27.68 -7.94
CA SER C 50 19.32 27.91 -6.54
C SER C 50 17.88 28.28 -6.36
N ALA C 51 17.35 29.08 -7.28
CA ALA C 51 15.91 29.37 -7.31
C ALA C 51 15.15 28.05 -7.29
N ASP C 52 15.49 27.17 -8.23
CA ASP C 52 14.84 25.88 -8.28
C ASP C 52 14.90 25.15 -6.91
N VAL C 53 16.07 25.09 -6.27
CA VAL C 53 16.17 24.26 -5.07
C VAL C 53 15.61 24.98 -3.86
N GLU C 54 15.64 26.31 -3.86
CA GLU C 54 14.93 27.06 -2.83
C GLU C 54 13.43 26.80 -2.83
N LEU C 55 12.87 26.74 -4.04
CA LEU C 55 11.47 26.52 -4.20
C LEU C 55 11.07 25.18 -3.62
N VAL C 56 11.80 24.14 -4.00
CA VAL C 56 11.51 22.82 -3.52
C VAL C 56 11.64 22.73 -2.02
N PHE C 57 12.69 23.35 -1.50
CA PHE C 57 13.05 23.12 -0.13
C PHE C 57 12.23 24.00 0.79
N TYR C 58 11.92 25.20 0.34
CA TYR C 58 11.34 26.22 1.19
C TYR C 58 9.99 26.64 0.72
N GLY C 59 9.63 26.40 -0.55
CA GLY C 59 8.34 26.82 -1.07
C GLY C 59 8.24 28.11 -1.92
N LYS C 60 9.30 28.93 -1.90
CA LYS C 60 9.48 30.09 -2.85
C LYS C 60 10.96 30.37 -3.12
N SER C 61 11.27 30.98 -4.26
CA SER C 61 12.66 31.31 -4.57
C SER C 61 13.11 32.44 -3.68
N LEU C 62 14.38 32.41 -3.26
CA LEU C 62 14.89 33.39 -2.32
C LEU C 62 15.89 34.37 -2.97
N THR C 63 16.57 33.93 -4.01
CA THR C 63 17.49 34.79 -4.69
C THR C 63 16.76 35.61 -5.73
N LEU C 64 16.04 34.94 -6.60
CA LEU C 64 15.18 35.54 -7.58
C LEU C 64 13.83 35.50 -6.99
N LYS C 65 13.11 36.60 -6.97
CA LYS C 65 11.72 36.48 -6.58
C LYS C 65 10.83 36.75 -7.77
N THR C 66 10.61 35.68 -8.52
CA THR C 66 9.76 35.66 -9.67
C THR C 66 8.85 34.47 -9.49
N PRO C 67 7.57 34.59 -9.81
CA PRO C 67 6.79 33.37 -9.78
C PRO C 67 7.45 32.30 -10.68
N PRO C 68 7.23 31.01 -10.34
CA PRO C 68 7.88 29.91 -11.01
C PRO C 68 7.01 29.51 -12.16
N ILE C 69 6.86 30.47 -13.06
CA ILE C 69 6.12 30.33 -14.31
C ILE C 69 7.09 30.85 -15.36
N ASP C 70 7.15 30.16 -16.49
CA ASP C 70 8.00 30.58 -17.60
C ASP C 70 7.26 31.62 -18.47
N ALA C 71 7.95 32.18 -19.46
CA ALA C 71 7.39 33.20 -20.34
C ALA C 71 6.01 32.84 -20.98
N THR C 72 5.76 31.54 -21.17
CA THR C 72 4.52 31.00 -21.79
C THR C 72 3.29 30.91 -20.88
N GLY C 73 3.50 30.95 -19.56
CA GLY C 73 2.41 30.74 -18.60
C GLY C 73 2.40 29.32 -18.06
N SER C 74 3.33 28.52 -18.54
CA SER C 74 3.48 27.17 -18.07
C SER C 74 4.25 27.17 -16.75
N PRO C 75 3.84 26.34 -15.78
CA PRO C 75 4.55 26.20 -14.50
C PRO C 75 5.92 25.54 -14.64
N THR C 76 6.82 25.94 -13.78
CA THR C 76 8.18 25.51 -13.85
C THR C 76 8.34 24.06 -13.29
N PRO C 77 9.31 23.27 -13.82
CA PRO C 77 9.45 21.90 -13.33
C PRO C 77 9.55 21.82 -11.82
N ALA C 78 10.27 22.74 -11.20
CA ALA C 78 10.37 22.81 -9.76
C ALA C 78 9.03 22.72 -9.04
N THR C 79 7.96 23.21 -9.69
CA THR C 79 6.64 23.21 -9.04
C THR C 79 6.10 21.81 -8.86
N ILE C 80 6.38 20.95 -9.83
CA ILE C 80 5.96 19.55 -9.79
C ILE C 80 6.70 18.84 -8.65
N THR C 81 8.02 19.04 -8.60
CA THR C 81 8.86 18.52 -7.53
C THR C 81 8.41 19.06 -6.21
N ARG C 82 8.05 20.33 -6.15
CA ARG C 82 7.67 20.91 -4.88
C ARG C 82 6.37 20.28 -4.40
N ALA C 83 5.51 19.98 -5.38
CA ALA C 83 4.16 19.49 -5.12
C ALA C 83 4.25 18.14 -4.42
N CYS C 84 5.02 17.25 -5.09
CA CYS C 84 5.37 15.95 -4.58
C CYS C 84 5.99 16.00 -3.16
N VAL C 85 6.98 16.85 -2.98
CA VAL C 85 7.65 16.96 -1.70
C VAL C 85 6.67 17.32 -0.61
N GLU C 86 5.73 18.21 -0.90
CA GLU C 86 4.68 18.56 0.10
C GLU C 86 3.60 17.48 0.28
N LEU C 87 3.12 16.93 -0.84
CA LEU C 87 2.03 16.00 -0.74
C LEU C 87 2.48 14.63 -0.22
N LYS C 88 3.71 14.19 -0.50
CA LYS C 88 4.15 12.87 0.01
C LYS C 88 5.18 12.98 1.12
N ASN C 89 5.33 14.15 1.74
CA ASN C 89 6.19 14.35 2.95
C ASN C 89 7.66 13.90 2.77
N ILE C 90 8.20 14.24 1.61
CA ILE C 90 9.47 13.72 1.18
C ILE C 90 10.61 14.61 1.59
N LYS C 91 11.33 14.22 2.62
CA LYS C 91 12.60 14.85 2.98
C LYS C 91 13.53 15.10 1.77
N ASN C 92 14.13 16.29 1.74
CA ASN C 92 14.98 16.70 0.67
C ASN C 92 16.17 17.55 1.15
N LEU C 93 17.31 17.35 0.53
CA LEU C 93 18.55 18.12 0.84
C LEU C 93 19.29 18.29 -0.45
N HIS C 94 19.72 19.50 -0.75
CA HIS C 94 20.29 19.75 -2.04
C HIS C 94 21.77 20.04 -1.97
N ILE C 95 22.44 19.69 -3.07
CA ILE C 95 23.88 19.68 -3.18
C ILE C 95 24.35 20.67 -4.25
N ASP C 96 25.26 21.58 -3.86
CA ASP C 96 26.01 22.42 -4.79
C ASP C 96 27.34 21.85 -5.30
N ALA C 97 27.34 21.50 -6.59
CA ALA C 97 28.57 21.30 -7.36
C ALA C 97 28.88 22.56 -8.20
N GLY C 98 28.88 23.72 -7.55
CA GLY C 98 29.32 24.96 -8.20
C GLY C 98 28.31 25.68 -9.07
N ALA C 99 27.17 26.04 -8.49
CA ALA C 99 26.25 26.98 -9.09
C ALA C 99 26.98 28.32 -9.03
N PHE C 100 26.68 29.21 -9.98
CA PHE C 100 27.30 30.53 -10.01
C PHE C 100 26.89 31.30 -8.76
N VAL C 101 25.61 31.18 -8.41
CA VAL C 101 25.07 31.83 -7.21
C VAL C 101 24.69 30.70 -6.33
N LYS C 102 24.89 30.88 -5.04
CA LYS C 102 24.61 29.81 -4.10
C LYS C 102 23.24 30.03 -3.46
N PRO C 103 22.56 28.94 -3.13
CA PRO C 103 21.28 28.98 -2.43
C PRO C 103 21.33 29.69 -1.10
N LYS C 104 20.21 30.32 -0.76
CA LYS C 104 20.03 30.97 0.53
C LYS C 104 19.28 30.01 1.47
N ILE C 105 19.20 28.77 1.05
CA ILE C 105 18.76 27.71 1.97
C ILE C 105 19.97 26.85 2.31
N PRO C 106 19.94 26.17 3.45
CA PRO C 106 21.01 25.20 3.76
C PRO C 106 21.22 24.28 2.60
N PHE C 107 22.45 24.08 2.19
CA PHE C 107 22.74 23.12 1.12
C PHE C 107 24.09 22.43 1.43
N ILE C 108 24.31 21.30 0.78
CA ILE C 108 25.59 20.62 0.94
C ILE C 108 26.50 21.13 -0.16
N GLU C 109 27.63 21.73 0.20
CA GLU C 109 28.63 22.20 -0.76
C GLU C 109 29.65 21.11 -1.00
N ILE C 110 29.77 20.63 -2.23
CA ILE C 110 30.73 19.60 -2.58
C ILE C 110 31.93 20.24 -3.32
N ASP C 111 31.62 21.10 -4.29
CA ASP C 111 32.57 21.92 -5.01
C ASP C 111 32.00 23.30 -5.39
N GLU C 112 32.71 24.34 -4.96
CA GLU C 112 32.16 25.68 -4.99
C GLU C 112 32.48 26.43 -6.29
N LYS C 113 33.44 25.91 -7.05
CA LYS C 113 33.78 26.47 -8.35
C LYS C 113 32.92 25.86 -9.44
N PRO C 114 32.48 26.69 -10.38
CA PRO C 114 31.75 26.28 -11.57
C PRO C 114 32.45 25.27 -12.47
N THR C 115 31.66 24.50 -13.20
CA THR C 115 32.17 23.77 -14.35
C THR C 115 32.87 24.79 -15.24
N GLY C 116 33.69 24.31 -16.17
CA GLY C 116 34.58 25.17 -16.93
C GLY C 116 34.22 25.37 -18.40
N ARG C 117 35.20 25.91 -19.12
CA ARG C 117 35.01 26.28 -20.50
C ARG C 117 35.03 24.99 -21.31
N ILE C 118 33.83 24.48 -21.59
CA ILE C 118 33.64 23.18 -22.24
C ILE C 118 34.32 23.10 -23.60
N GLU C 119 34.23 24.21 -24.36
CA GLU C 119 34.70 24.30 -25.75
C GLU C 119 36.20 24.00 -25.97
N GLU C 120 37.01 24.17 -24.92
CA GLU C 120 38.45 23.89 -24.95
C GLU C 120 38.85 22.71 -24.05
N GLY C 121 37.84 21.91 -23.68
CA GLY C 121 37.99 20.77 -22.76
C GLY C 121 38.51 21.08 -21.38
N LYS C 122 38.22 22.27 -20.86
CA LYS C 122 38.57 22.63 -19.48
C LYS C 122 37.36 22.51 -18.52
N ALA C 123 36.54 21.47 -18.69
CA ALA C 123 35.37 21.24 -17.80
C ALA C 123 35.75 21.22 -16.33
N MSE C 124 36.61 20.26 -15.97
CA MSE C 124 37.15 20.17 -14.61
C MSE C 124 38.50 19.45 -14.48
O MSE C 124 38.92 18.65 -15.32
CB MSE C 124 36.15 19.44 -13.70
CG MSE C 124 35.82 18.04 -14.15
SE MSE C 124 33.99 17.60 -13.69
CE MSE C 124 33.95 15.80 -14.38
N ASN C 125 39.15 19.77 -13.36
CA ASN C 125 40.34 19.08 -12.85
C ASN C 125 40.08 17.71 -12.23
N ASN C 126 39.00 17.69 -11.46
CA ASN C 126 38.88 16.75 -10.38
C ASN C 126 37.65 15.94 -10.54
N SER C 127 37.51 15.26 -11.67
CA SER C 127 36.36 14.42 -11.84
C SER C 127 36.42 13.23 -10.86
N LYS C 128 37.58 12.60 -10.72
CA LYS C 128 37.77 11.47 -9.82
C LYS C 128 37.41 11.85 -8.39
N GLU C 129 37.84 13.03 -7.98
CA GLU C 129 37.67 13.42 -6.61
C GLU C 129 36.20 13.84 -6.33
N LEU C 130 35.53 14.40 -7.33
CA LEU C 130 34.13 14.73 -7.21
C LEU C 130 33.32 13.48 -7.00
N TYR C 131 33.56 12.48 -7.85
CA TYR C 131 32.89 11.20 -7.69
C TYR C 131 33.12 10.60 -6.31
N MSE C 132 34.35 10.70 -5.79
CA MSE C 132 34.66 10.20 -4.43
C MSE C 132 33.90 10.96 -3.38
O MSE C 132 33.52 10.40 -2.35
CB MSE C 132 36.16 10.30 -4.10
CG MSE C 132 36.96 9.03 -4.46
SE MSE C 132 36.26 7.42 -3.53
CE MSE C 132 36.35 6.10 -4.99
N LYS C 133 33.69 12.24 -3.61
CA LYS C 133 32.92 13.02 -2.68
C LYS C 133 31.44 12.59 -2.72
N GLY C 134 30.95 12.26 -3.89
CA GLY C 134 29.56 11.87 -4.04
C GLY C 134 29.30 10.58 -3.30
N TYR C 135 30.16 9.61 -3.57
CA TYR C 135 30.17 8.31 -2.90
C TYR C 135 30.17 8.39 -1.39
N LEU C 136 31.09 9.18 -0.85
CA LEU C 136 31.36 9.20 0.55
C LEU C 136 30.23 9.92 1.24
N LEU C 137 29.62 10.88 0.57
CA LEU C 137 28.51 11.64 1.15
C LEU C 137 27.32 10.70 1.26
N GLY C 138 27.10 9.93 0.20
CA GLY C 138 26.03 8.95 0.17
C GLY C 138 26.13 7.96 1.31
N LYS C 139 27.33 7.48 1.60
CA LYS C 139 27.49 6.63 2.76
C LYS C 139 26.94 7.29 4.04
N ASN C 140 26.88 8.60 4.14
CA ASN C 140 26.30 9.19 5.35
C ASN C 140 24.85 9.63 5.22
N LEU C 141 24.23 9.33 4.09
CA LEU C 141 22.84 9.69 3.90
C LEU C 141 22.01 8.44 4.13
N ASP C 142 21.01 8.56 5.00
CA ASP C 142 20.23 7.44 5.43
C ASP C 142 18.81 7.51 4.90
N ALA C 143 18.51 6.58 4.03
CA ALA C 143 17.22 6.49 3.45
C ALA C 143 17.19 5.16 2.77
N GLU C 144 15.99 4.72 2.46
CA GLU C 144 15.81 3.42 1.82
C GLU C 144 15.80 3.57 0.32
N LEU C 145 15.60 4.79 -0.17
CA LEU C 145 15.57 5.03 -1.62
C LEU C 145 16.11 6.40 -1.94
N LEU C 146 16.95 6.51 -2.96
CA LEU C 146 17.46 7.82 -3.35
C LEU C 146 16.78 8.25 -4.63
N ILE C 147 16.14 9.42 -4.56
CA ILE C 147 15.66 10.09 -5.76
C ILE C 147 16.58 11.28 -5.98
N VAL C 148 17.39 11.21 -7.04
CA VAL C 148 18.33 12.30 -7.30
C VAL C 148 18.17 12.96 -8.68
N GLY C 149 17.91 14.26 -8.66
CA GLY C 149 17.75 15.02 -9.87
C GLY C 149 18.84 16.06 -9.98
N GLU C 150 18.66 17.00 -10.87
CA GLU C 150 19.65 18.02 -11.20
C GLU C 150 18.97 19.25 -11.74
N SER C 151 19.69 20.35 -11.65
CA SER C 151 19.39 21.57 -12.36
C SER C 151 20.70 22.14 -12.84
N VAL C 152 21.04 21.89 -14.10
CA VAL C 152 22.27 22.42 -14.66
C VAL C 152 22.01 22.99 -16.05
N PRO C 153 21.86 24.32 -16.11
CA PRO C 153 21.73 25.01 -17.39
C PRO C 153 22.94 24.75 -18.27
N GLY C 154 22.67 24.27 -19.46
CA GLY C 154 23.74 23.91 -20.38
C GLY C 154 24.08 22.44 -20.29
N GLY C 155 23.44 21.77 -19.36
CA GLY C 155 23.71 20.38 -19.12
C GLY C 155 23.41 19.47 -20.27
N THR C 156 22.48 19.88 -21.14
CA THR C 156 22.11 19.04 -22.28
C THR C 156 23.27 18.78 -23.24
N THR C 157 24.15 19.77 -23.39
CA THR C 157 25.31 19.65 -24.26
C THR C 157 26.31 18.74 -23.59
N THR C 158 26.78 19.16 -22.42
CA THR C 158 27.64 18.27 -21.58
C THR C 158 27.14 16.83 -21.67
N ALA C 159 25.84 16.64 -21.50
CA ALA C 159 25.20 15.33 -21.69
C ALA C 159 25.69 14.68 -22.99
N LEU C 160 25.50 15.39 -24.08
CA LEU C 160 25.87 14.86 -25.40
C LEU C 160 27.38 14.72 -25.52
N GLY C 161 28.13 15.61 -24.88
CA GLY C 161 29.59 15.60 -25.00
C GLY C 161 30.23 14.36 -24.41
N VAL C 162 29.84 14.09 -23.18
CA VAL C 162 30.23 12.92 -22.51
C VAL C 162 29.75 11.67 -23.24
N LEU C 163 28.51 11.66 -23.72
CA LEU C 163 27.96 10.43 -24.32
C LEU C 163 28.76 10.04 -25.57
N LEU C 164 29.02 11.02 -26.42
CA LEU C 164 29.78 10.75 -27.64
C LEU C 164 31.23 10.47 -27.24
N GLY C 165 31.74 11.32 -26.36
CA GLY C 165 33.06 11.13 -25.75
C GLY C 165 33.37 9.71 -25.26
N LEU C 166 32.36 8.97 -24.79
CA LEU C 166 32.50 7.58 -24.33
C LEU C 166 32.20 6.57 -25.44
N GLY C 167 31.89 7.07 -26.63
CA GLY C 167 31.70 6.22 -27.79
C GLY C 167 30.25 5.85 -28.01
N TYR C 168 29.34 6.65 -27.47
CA TYR C 168 27.93 6.42 -27.74
C TYR C 168 27.46 7.22 -28.94
N ASP C 169 26.30 6.81 -29.46
CA ASP C 169 25.68 7.39 -30.63
C ASP C 169 24.55 8.31 -30.17
N ALA C 170 24.86 9.57 -29.91
CA ALA C 170 23.91 10.47 -29.26
C ALA C 170 23.47 11.70 -30.07
N GLU C 171 24.09 11.93 -31.22
CA GLU C 171 23.83 13.16 -32.01
C GLU C 171 22.34 13.43 -32.29
N GLY C 172 21.66 12.46 -32.89
CA GLY C 172 20.22 12.56 -33.17
C GLY C 172 19.36 12.35 -31.93
N LYS C 173 19.97 11.83 -30.87
CA LYS C 173 19.22 11.27 -29.75
C LYS C 173 18.89 12.28 -28.65
N VAL C 174 19.80 13.21 -28.33
CA VAL C 174 19.55 14.19 -27.27
C VAL C 174 18.40 15.15 -27.65
N ASN C 180 15.23 27.08 -33.46
CA ASN C 180 15.05 27.53 -32.09
C ASN C 180 15.87 26.71 -31.10
N ASN C 181 16.12 25.44 -31.46
CA ASN C 181 16.94 24.53 -30.65
C ASN C 181 18.30 24.34 -31.33
N PRO C 182 19.36 25.03 -30.82
CA PRO C 182 20.71 25.05 -31.40
C PRO C 182 21.46 23.71 -31.43
N HIS C 183 20.89 22.68 -32.02
CA HIS C 183 21.57 21.38 -32.12
C HIS C 183 22.96 21.52 -32.71
N GLU C 184 23.11 22.35 -33.73
CA GLU C 184 24.36 22.46 -34.48
C GLU C 184 25.48 23.14 -33.70
N LEU C 185 25.16 24.15 -32.90
CA LEU C 185 26.18 24.87 -32.11
C LEU C 185 26.78 23.99 -31.01
N LYS C 186 25.91 23.39 -30.22
CA LYS C 186 26.27 22.61 -29.04
C LYS C 186 27.21 21.43 -29.38
N ILE C 187 26.87 20.69 -30.42
CA ILE C 187 27.72 19.55 -30.89
C ILE C 187 29.09 20.06 -31.38
N LYS C 188 29.08 21.23 -32.03
CA LYS C 188 30.32 21.92 -32.41
C LYS C 188 31.16 22.14 -31.17
N VAL C 189 30.62 22.91 -30.22
CA VAL C 189 31.28 23.16 -28.93
C VAL C 189 31.82 21.88 -28.27
N VAL C 190 31.04 20.82 -28.31
CA VAL C 190 31.47 19.56 -27.75
C VAL C 190 32.69 19.09 -28.53
N ARG C 191 32.55 18.95 -29.85
CA ARG C 191 33.66 18.48 -30.69
C ARG C 191 34.93 19.31 -30.52
N GLU C 192 34.78 20.63 -30.51
CA GLU C 192 35.92 21.51 -30.26
C GLU C 192 36.57 21.13 -28.91
N GLY C 193 35.74 20.90 -27.89
CA GLY C 193 36.20 20.49 -26.55
C GLY C 193 36.95 19.15 -26.48
N LEU C 194 36.41 18.13 -27.15
CA LEU C 194 37.09 16.83 -27.22
C LEU C 194 38.49 17.04 -27.80
N LYS C 195 38.56 17.59 -29.02
CA LYS C 195 39.83 17.94 -29.67
C LYS C 195 40.85 18.48 -28.65
N LYS C 196 40.57 19.64 -28.06
CA LYS C 196 41.56 20.39 -27.27
C LYS C 196 42.14 19.61 -26.07
N ALA C 197 41.28 18.88 -25.36
CA ALA C 197 41.72 17.93 -24.32
C ALA C 197 42.20 16.63 -25.00
N GLY C 198 41.43 16.14 -25.96
CA GLY C 198 41.89 15.08 -26.87
C GLY C 198 41.57 13.67 -26.41
N ILE C 199 40.41 13.16 -26.81
CA ILE C 199 39.93 11.89 -26.28
C ILE C 199 40.08 10.75 -27.29
N ASN C 200 41.06 9.87 -27.04
CA ASN C 200 41.16 8.56 -27.73
C ASN C 200 39.87 7.74 -27.52
N GLU C 201 39.63 6.73 -28.35
CA GLU C 201 38.58 5.76 -28.05
C GLU C 201 38.93 5.10 -26.73
N LYS C 202 40.22 4.86 -26.52
CA LYS C 202 40.75 4.32 -25.26
C LYS C 202 41.21 5.43 -24.30
N SER C 203 40.25 6.03 -23.59
CA SER C 203 40.54 7.01 -22.53
C SER C 203 39.54 6.87 -21.38
N SER C 204 39.96 7.30 -20.18
CA SER C 204 39.20 7.05 -18.95
C SER C 204 37.90 7.86 -18.88
N VAL C 205 36.86 7.26 -18.32
CA VAL C 205 35.65 8.00 -18.01
C VAL C 205 36.02 9.35 -17.40
N PHE C 206 37.02 9.34 -16.54
CA PHE C 206 37.36 10.52 -15.79
C PHE C 206 37.93 11.58 -16.69
N ASP C 207 38.70 11.18 -17.70
CA ASP C 207 39.20 12.15 -18.70
C ASP C 207 38.02 12.84 -19.42
N VAL C 208 37.14 12.02 -19.97
CA VAL C 208 35.98 12.53 -20.69
C VAL C 208 35.27 13.62 -19.89
N LEU C 209 35.09 13.39 -18.60
CA LEU C 209 34.42 14.35 -17.74
C LEU C 209 35.25 15.59 -17.48
N ASN C 210 36.56 15.40 -17.38
CA ASN C 210 37.50 16.51 -17.23
C ASN C 210 37.46 17.46 -18.44
N ALA C 211 37.16 16.91 -19.61
CA ALA C 211 37.00 17.70 -20.83
C ALA C 211 35.63 18.35 -20.94
N VAL C 212 34.61 17.53 -21.21
CA VAL C 212 33.26 17.98 -21.57
C VAL C 212 32.13 17.65 -20.56
N GLY C 213 32.50 17.14 -19.39
CA GLY C 213 31.47 16.80 -18.39
C GLY C 213 31.04 18.03 -17.65
N ASP C 214 29.91 17.92 -16.94
CA ASP C 214 29.54 18.91 -15.93
C ASP C 214 29.64 18.28 -14.55
N LYS C 215 29.92 19.12 -13.55
CA LYS C 215 30.26 18.64 -12.21
C LYS C 215 29.17 17.82 -11.48
N MSE C 216 27.90 18.11 -11.76
CA MSE C 216 26.83 17.33 -11.16
C MSE C 216 27.02 15.84 -11.47
O MSE C 216 26.77 15.02 -10.60
CB MSE C 216 25.46 17.86 -11.62
CG MSE C 216 24.27 16.98 -11.39
SE MSE C 216 23.98 15.68 -12.81
CE MSE C 216 24.35 16.83 -14.31
N MSE C 217 27.51 15.49 -12.65
CA MSE C 217 27.46 14.11 -13.13
C MSE C 217 28.27 13.13 -12.26
O MSE C 217 27.73 12.13 -11.78
CB MSE C 217 27.97 13.99 -14.58
CG MSE C 217 27.29 14.87 -15.59
SE MSE C 217 28.16 14.75 -17.35
CE MSE C 217 26.83 13.71 -18.28
N PRO C 218 29.58 13.41 -12.05
CA PRO C 218 30.36 12.52 -11.22
C PRO C 218 29.78 12.42 -9.83
N VAL C 219 29.17 13.50 -9.36
CA VAL C 219 28.62 13.47 -8.00
C VAL C 219 27.43 12.56 -7.92
N VAL C 220 26.55 12.66 -8.89
CA VAL C 220 25.41 11.77 -8.91
C VAL C 220 25.85 10.32 -9.09
N ALA C 221 26.92 10.13 -9.86
CA ALA C 221 27.53 8.82 -10.04
C ALA C 221 27.91 8.31 -8.67
N GLY C 222 28.63 9.10 -7.90
CA GLY C 222 29.02 8.70 -6.55
C GLY C 222 27.81 8.36 -5.70
N LEU C 223 26.82 9.22 -5.74
CA LEU C 223 25.67 9.02 -4.89
C LEU C 223 24.98 7.73 -5.31
N ALA C 224 24.75 7.60 -6.60
CA ALA C 224 23.94 6.49 -7.06
C ALA C 224 24.58 5.16 -6.66
N ILE C 225 25.87 5.03 -6.93
CA ILE C 225 26.59 3.80 -6.67
C ILE C 225 26.62 3.51 -5.19
N SER C 226 26.86 4.56 -4.41
CA SER C 226 26.81 4.49 -2.98
C SER C 226 25.54 3.77 -2.54
N PHE C 227 24.39 4.18 -3.05
CA PHE C 227 23.14 3.61 -2.59
C PHE C 227 22.99 2.19 -3.13
N ALA C 228 23.29 2.01 -4.41
CA ALA C 228 23.14 0.72 -5.03
C ALA C 228 24.02 -0.35 -4.40
N GLU C 229 25.19 0.06 -3.89
CA GLU C 229 26.08 -0.87 -3.20
C GLU C 229 25.46 -1.32 -1.86
N ARG C 230 24.70 -0.45 -1.22
CA ARG C 230 24.02 -0.83 0.01
C ARG C 230 22.63 -1.39 -0.22
N ASN C 231 22.39 -1.94 -1.43
CA ASN C 231 21.14 -2.61 -1.79
C ASN C 231 19.94 -1.73 -1.57
N LYS C 232 20.09 -0.48 -1.98
CA LYS C 232 19.07 0.53 -1.89
C LYS C 232 18.81 1.03 -3.32
N PRO C 233 17.53 1.16 -3.71
CA PRO C 233 17.17 1.64 -5.04
C PRO C 233 17.45 3.11 -5.28
N VAL C 234 17.85 3.43 -6.50
CA VAL C 234 18.09 4.80 -6.88
C VAL C 234 17.30 5.21 -8.11
N ILE C 235 16.52 6.26 -8.00
CA ILE C 235 15.90 6.86 -9.19
C ILE C 235 16.74 8.04 -9.69
N LEU C 236 17.27 7.87 -10.90
CA LEU C 236 17.96 8.95 -11.58
C LEU C 236 16.91 9.84 -12.23
N ALA C 237 16.63 10.94 -11.53
CA ALA C 237 15.46 11.79 -11.80
C ALA C 237 15.87 12.86 -12.76
N GLY C 238 15.81 12.53 -14.04
CA GLY C 238 16.16 13.41 -15.14
C GLY C 238 15.95 12.67 -16.44
N GLY C 239 16.59 13.12 -17.51
CA GLY C 239 16.41 12.48 -18.80
C GLY C 239 17.45 12.94 -19.78
N THR C 240 18.10 11.99 -20.45
CA THR C 240 19.11 12.30 -21.44
C THR C 240 20.34 12.84 -20.72
N GLN C 241 20.18 13.91 -19.97
CA GLN C 241 21.18 14.28 -18.98
C GLN C 241 21.54 13.12 -18.04
N MSE C 242 20.50 12.40 -17.58
CA MSE C 242 20.70 11.24 -16.72
C MSE C 242 21.14 10.03 -17.47
O MSE C 242 21.81 9.19 -16.91
CB MSE C 242 19.43 10.94 -15.93
CG MSE C 242 19.15 11.99 -14.91
SE MSE C 242 20.67 12.04 -13.71
CE MSE C 242 20.14 13.51 -12.52
N SER C 243 20.81 9.93 -18.77
CA SER C 243 21.39 8.83 -19.58
C SER C 243 22.93 8.92 -19.63
N ALA C 244 23.46 10.13 -19.58
CA ALA C 244 24.88 10.34 -19.51
C ALA C 244 25.44 9.81 -18.20
N VAL C 245 24.88 10.27 -17.09
CA VAL C 245 25.28 9.77 -15.75
C VAL C 245 25.18 8.24 -15.71
N LEU C 246 24.11 7.69 -16.23
CA LEU C 246 24.03 6.24 -16.34
C LEU C 246 25.25 5.62 -17.08
N ALA C 247 25.65 6.16 -18.23
CA ALA C 247 26.89 5.68 -18.89
C ALA C 247 28.15 5.82 -18.01
N VAL C 248 28.28 6.98 -17.35
CA VAL C 248 29.42 7.25 -16.47
C VAL C 248 29.51 6.16 -15.40
N ILE C 249 28.36 5.79 -14.87
CA ILE C 249 28.27 4.70 -13.92
C ILE C 249 28.70 3.40 -14.61
N LYS C 250 28.15 3.06 -15.79
CA LYS C 250 28.56 1.81 -16.48
C LYS C 250 30.06 1.68 -16.61
N GLU C 251 30.75 2.80 -16.71
CA GLU C 251 32.20 2.76 -16.81
C GLU C 251 32.85 2.60 -15.43
N ILE C 252 32.29 3.24 -14.41
CA ILE C 252 32.95 3.19 -13.10
C ILE C 252 32.75 1.83 -12.43
N ASN C 253 31.68 1.13 -12.80
CA ASN C 253 31.26 -0.02 -12.06
C ASN C 253 30.23 -0.76 -12.87
N LYS C 254 30.63 -1.31 -14.02
CA LYS C 254 29.71 -2.11 -14.86
C LYS C 254 28.92 -3.02 -13.93
N LYS C 255 29.62 -3.43 -12.87
CA LYS C 255 29.09 -4.28 -11.84
C LYS C 255 28.02 -3.69 -10.90
N VAL C 256 27.24 -2.66 -11.30
CA VAL C 256 26.02 -2.30 -10.51
C VAL C 256 24.72 -2.39 -11.26
N LEU C 257 24.74 -2.03 -12.53
CA LEU C 257 23.53 -1.99 -13.33
C LEU C 257 23.03 -3.41 -13.57
N ASP C 258 23.91 -4.37 -13.30
CA ASP C 258 23.57 -5.79 -13.23
C ASP C 258 22.54 -6.07 -12.12
N LYS C 259 22.82 -5.54 -10.92
CA LYS C 259 21.82 -5.50 -9.86
C LYS C 259 20.75 -4.56 -10.39
N ASN C 260 19.50 -4.89 -10.18
CA ASN C 260 18.44 -4.14 -10.84
C ASN C 260 18.05 -2.92 -9.97
N LEU C 261 19.03 -2.12 -9.55
CA LEU C 261 18.82 -1.16 -8.47
C LEU C 261 18.77 0.31 -8.88
N ILE C 262 19.25 0.61 -10.09
CA ILE C 262 19.29 1.98 -10.59
C ILE C 262 18.35 2.08 -11.77
N ALA C 263 17.44 3.07 -11.72
CA ALA C 263 16.53 3.38 -12.85
C ALA C 263 16.55 4.87 -13.19
N ILE C 264 15.95 5.17 -14.34
CA ILE C 264 15.75 6.54 -14.82
C ILE C 264 14.29 6.79 -14.75
N GLY C 265 13.94 7.91 -14.14
CA GLY C 265 12.56 8.29 -13.97
C GLY C 265 12.47 9.67 -14.55
N THR C 266 11.65 9.80 -15.58
CA THR C 266 11.47 11.08 -16.18
C THR C 266 9.99 11.38 -16.38
N THR C 267 9.68 12.33 -17.27
CA THR C 267 8.30 12.68 -17.62
C THR C 267 7.90 12.08 -18.95
N GLU C 268 6.61 11.80 -19.10
CA GLU C 268 6.01 11.38 -20.39
C GLU C 268 6.53 12.16 -21.58
N PHE C 269 6.78 13.45 -21.37
CA PHE C 269 7.15 14.38 -22.44
C PHE C 269 8.57 14.16 -22.89
N VAL C 270 9.45 13.84 -21.94
CA VAL C 270 10.81 13.54 -22.28
C VAL C 270 10.81 12.20 -23.01
N LEU C 271 9.92 11.31 -22.63
CA LEU C 271 9.87 10.02 -23.29
C LEU C 271 9.29 10.15 -24.70
N ASN C 272 8.18 10.89 -24.80
CA ASN C 272 7.41 11.06 -26.07
C ASN C 272 7.92 12.17 -27.04
N ASP C 273 9.10 12.72 -26.79
CA ASP C 273 9.67 13.75 -27.62
C ASP C 273 9.89 13.16 -28.99
N LYS C 274 9.30 13.79 -30.02
CA LYS C 274 9.62 13.43 -31.41
C LYS C 274 11.11 13.72 -31.67
N LYS C 275 11.63 14.79 -31.08
CA LYS C 275 13.00 15.29 -31.36
C LYS C 275 14.09 14.58 -30.56
N GLY C 276 13.78 13.42 -30.00
CA GLY C 276 14.68 12.77 -29.05
C GLY C 276 14.30 11.33 -28.73
N ASP C 277 15.29 10.52 -28.41
CA ASP C 277 15.08 9.08 -28.24
C ASP C 277 15.92 8.64 -27.04
N LEU C 278 15.40 8.93 -25.84
CA LEU C 278 15.98 8.42 -24.57
C LEU C 278 16.04 6.88 -24.53
N LYS C 279 14.92 6.22 -24.86
CA LYS C 279 14.88 4.76 -25.02
C LYS C 279 16.16 4.25 -25.73
N GLY C 280 16.51 4.96 -26.81
CA GLY C 280 17.64 4.61 -27.65
C GLY C 280 18.99 4.69 -26.97
N ILE C 281 19.34 5.85 -26.40
CA ILE C 281 20.61 5.96 -25.66
C ILE C 281 20.70 4.85 -24.61
N VAL C 282 19.66 4.74 -23.78
CA VAL C 282 19.65 3.78 -22.68
C VAL C 282 19.87 2.34 -23.19
N GLU C 283 19.21 1.97 -24.29
CA GLU C 283 19.32 0.60 -24.83
C GLU C 283 20.78 0.23 -25.19
N GLN C 284 21.58 1.24 -25.55
CA GLN C 284 23.01 1.06 -25.81
C GLN C 284 23.77 0.78 -24.51
N ILE C 285 23.46 1.53 -23.45
CA ILE C 285 24.19 1.37 -22.18
C ILE C 285 23.90 0.02 -21.53
N GLY C 286 22.63 -0.40 -21.56
CA GLY C 286 22.21 -1.66 -20.94
C GLY C 286 20.74 -1.79 -20.58
N ASN C 287 20.45 -2.78 -19.74
CA ASN C 287 19.09 -3.20 -19.46
C ASN C 287 18.43 -2.43 -18.29
N VAL C 288 18.89 -1.21 -18.02
CA VAL C 288 18.31 -0.35 -16.97
C VAL C 288 16.81 -0.03 -17.14
N PRO C 289 16.00 -0.09 -16.06
CA PRO C 289 14.60 0.34 -16.22
C PRO C 289 14.49 1.82 -16.55
N VAL C 290 13.48 2.17 -17.33
CA VAL C 290 13.18 3.55 -17.64
C VAL C 290 11.70 3.76 -17.36
N LEU C 291 11.44 4.81 -16.60
CA LEU C 291 10.14 5.00 -16.00
C LEU C 291 9.75 6.44 -16.23
N ALA C 292 8.53 6.65 -16.73
CA ALA C 292 8.06 8.01 -17.00
C ALA C 292 6.71 8.29 -16.34
N SER C 293 6.56 9.48 -15.75
CA SER C 293 5.32 9.85 -15.07
C SER C 293 4.32 10.45 -16.04
N LYS C 294 3.03 10.24 -15.74
CA LYS C 294 1.90 10.80 -16.51
C LYS C 294 1.10 11.78 -15.62
N PHE C 295 0.86 12.99 -16.12
CA PHE C 295 0.27 14.06 -15.32
C PHE C 295 -1.16 14.43 -15.72
N TYR C 296 -1.60 13.93 -16.88
CA TYR C 296 -2.95 14.19 -17.39
C TYR C 296 -3.24 15.69 -17.44
N PHE C 297 -2.32 16.43 -18.02
CA PHE C 297 -2.37 17.90 -17.96
C PHE C 297 -3.36 18.57 -18.93
N GLU C 298 -3.85 17.80 -19.91
CA GLU C 298 -4.96 18.26 -20.78
C GLU C 298 -6.23 18.41 -19.96
N LYS C 299 -6.37 17.61 -18.91
CA LYS C 299 -7.53 17.67 -18.04
C LYS C 299 -7.53 18.96 -17.18
N ALA C 300 -6.46 19.76 -17.24
CA ALA C 300 -6.27 20.94 -16.38
C ALA C 300 -7.24 22.07 -16.70
N LYS C 301 -7.49 22.91 -15.70
CA LYS C 301 -8.32 24.12 -15.85
C LYS C 301 -7.62 25.17 -16.73
N ILE C 302 -6.36 25.44 -16.39
CA ILE C 302 -5.57 26.55 -16.95
C ILE C 302 -4.94 26.21 -18.31
N GLU C 303 -4.77 27.22 -19.15
CA GLU C 303 -4.15 27.04 -20.47
C GLU C 303 -2.65 26.73 -20.36
N GLY C 304 -1.99 27.18 -19.29
CA GLY C 304 -0.55 26.90 -19.10
C GLY C 304 -0.24 25.43 -18.82
N LEU C 305 -1.11 24.81 -18.03
CA LEU C 305 -1.00 23.39 -17.69
C LEU C 305 -1.46 22.48 -18.83
N LYS C 306 -2.66 22.69 -19.37
CA LYS C 306 -2.99 22.11 -20.70
C LYS C 306 -2.14 22.90 -21.67
N ASN C 307 -1.35 22.25 -22.54
CA ASN C 307 -0.32 22.95 -23.36
C ASN C 307 1.03 23.17 -22.61
N TYR C 308 1.20 22.44 -21.50
CA TYR C 308 2.49 22.35 -20.79
C TYR C 308 3.43 21.51 -21.61
N CYS C 309 2.86 20.51 -22.28
CA CYS C 309 3.63 19.70 -23.21
C CYS C 309 4.10 20.50 -24.43
N LYS C 310 3.31 21.47 -24.88
CA LYS C 310 3.63 22.21 -26.11
C LYS C 310 4.87 23.06 -25.86
N GLY C 311 5.68 23.22 -26.91
CA GLY C 311 6.90 24.05 -26.85
C GLY C 311 8.13 23.22 -26.54
N SER C 312 8.97 23.70 -25.62
CA SER C 312 10.09 22.91 -25.10
C SER C 312 9.61 21.65 -24.33
N VAL C 313 10.46 20.60 -24.32
CA VAL C 313 10.25 19.38 -23.53
C VAL C 313 10.53 19.75 -22.08
N LYS C 314 9.54 19.56 -21.21
CA LYS C 314 9.60 20.12 -19.85
C LYS C 314 10.07 19.10 -18.77
N GLU C 315 11.36 19.18 -18.39
CA GLU C 315 11.95 18.39 -17.28
C GLU C 315 12.84 19.29 -16.41
N GLY C 316 13.30 18.73 -15.28
CA GLY C 316 14.32 19.39 -14.48
C GLY C 316 13.99 19.31 -13.04
N VAL C 317 15.00 19.51 -12.21
CA VAL C 317 14.83 19.44 -10.77
C VAL C 317 14.15 18.12 -10.35
N GLY C 318 14.48 17.03 -11.05
CA GLY C 318 13.96 15.71 -10.73
C GLY C 318 12.45 15.53 -10.76
N ALA C 319 11.76 16.50 -11.31
CA ALA C 319 10.31 16.46 -11.31
C ALA C 319 9.77 15.17 -11.95
N GLY C 320 10.39 14.71 -13.01
CA GLY C 320 9.89 13.50 -13.65
C GLY C 320 9.91 12.31 -12.71
N GLY C 321 11.04 12.13 -12.02
CA GLY C 321 11.31 10.94 -11.20
C GLY C 321 10.64 10.96 -9.84
N ILE C 322 10.73 12.08 -9.15
CA ILE C 322 9.99 12.23 -7.88
C ILE C 322 8.50 12.07 -8.11
N ALA C 323 8.01 12.30 -9.31
CA ALA C 323 6.58 12.08 -9.61
C ALA C 323 6.33 10.56 -9.80
N VAL C 324 7.27 9.87 -10.44
CA VAL C 324 7.19 8.41 -10.52
C VAL C 324 7.11 7.81 -9.11
N TYR C 325 8.04 8.24 -8.26
CA TYR C 325 8.01 7.85 -6.88
C TYR C 325 6.67 8.08 -6.31
N SER C 326 6.15 9.29 -6.46
CA SER C 326 4.95 9.66 -5.75
C SER C 326 3.73 8.94 -6.24
N ILE C 327 3.65 8.76 -7.55
CA ILE C 327 2.49 8.17 -8.15
C ILE C 327 2.47 6.66 -7.84
N VAL C 328 3.63 5.99 -7.91
CA VAL C 328 3.70 4.60 -7.54
C VAL C 328 3.26 4.41 -6.11
N ASN C 329 3.58 5.38 -5.24
CA ASN C 329 3.14 5.33 -3.86
C ASN C 329 1.78 5.99 -3.55
N ASP C 330 0.92 6.04 -4.54
CA ASP C 330 -0.45 6.36 -4.29
C ASP C 330 -0.79 7.81 -4.32
N LEU C 331 -0.05 8.59 -5.06
CA LEU C 331 -0.42 9.96 -5.15
C LEU C 331 -1.20 10.13 -6.41
N GLU C 332 -2.39 10.69 -6.32
CA GLU C 332 -3.17 10.88 -7.51
C GLU C 332 -2.78 12.14 -8.26
N PRO C 333 -2.31 11.95 -9.48
CA PRO C 333 -1.84 13.04 -10.32
C PRO C 333 -2.67 14.28 -10.25
N THR C 334 -3.97 14.13 -10.20
CA THR C 334 -4.81 15.27 -10.13
C THR C 334 -4.39 16.10 -8.96
N LYS C 335 -3.85 15.43 -7.96
CA LYS C 335 -3.46 16.12 -6.75
C LYS C 335 -2.28 17.01 -7.04
N ILE C 336 -1.33 16.50 -7.82
CA ILE C 336 -0.18 17.28 -8.23
C ILE C 336 -0.63 18.48 -8.99
N ARG C 337 -1.57 18.23 -9.89
CA ARG C 337 -2.11 19.28 -10.73
C ARG C 337 -2.94 20.31 -9.91
N GLU C 338 -3.78 19.84 -9.00
CA GLU C 338 -4.51 20.74 -8.11
C GLU C 338 -3.56 21.53 -7.21
N PHE C 339 -2.42 20.97 -6.88
CA PHE C 339 -1.47 21.66 -6.02
C PHE C 339 -0.85 22.88 -6.71
N ILE C 340 -0.36 22.70 -7.91
CA ILE C 340 0.25 23.79 -8.63
C ILE C 340 -0.81 24.87 -8.89
N GLU C 341 -2.02 24.46 -9.30
CA GLU C 341 -3.14 25.39 -9.47
C GLU C 341 -3.38 26.25 -8.23
N ASN C 342 -3.69 25.63 -7.11
CA ASN C 342 -3.95 26.37 -5.90
C ASN C 342 -2.75 27.20 -5.46
N LYS C 343 -1.54 26.77 -5.82
CA LYS C 343 -0.33 27.32 -5.20
C LYS C 343 0.32 28.41 -6.00
N PHE C 344 0.45 28.22 -7.31
CA PHE C 344 1.20 29.15 -8.16
C PHE C 344 0.33 29.89 -9.20
N TYR C 345 -0.97 30.01 -8.88
CA TYR C 345 -1.97 30.56 -9.81
C TYR C 345 -3.17 31.23 -9.08
P PO4 D . -27.42 13.86 19.75
O1 PO4 D . -26.88 15.00 20.59
O2 PO4 D . -28.81 14.08 19.18
O3 PO4 D . -26.59 13.65 18.55
O4 PO4 D . -27.65 12.70 20.70
P PO4 E . -0.37 -8.88 16.72
O1 PO4 E . -0.45 -8.28 15.35
O2 PO4 E . -0.69 -10.35 16.68
O3 PO4 E . 1.04 -8.58 17.23
O4 PO4 E . -1.41 -8.19 17.53
P PO4 F . -3.73 -34.65 -11.74
O1 PO4 F . -3.88 -33.24 -11.23
O2 PO4 F . -4.09 -35.54 -10.59
O3 PO4 F . -4.79 -34.90 -12.81
O4 PO4 F . -2.36 -35.00 -12.32
P PO4 G . 10.09 -16.08 14.39
O1 PO4 G . 11.26 -15.41 15.05
O2 PO4 G . 9.07 -15.06 13.93
O3 PO4 G . 10.68 -16.74 13.16
O4 PO4 G . 9.56 -17.14 15.35
P PO4 H . 17.05 -8.35 0.67
O1 PO4 H . 15.79 -7.57 0.38
O2 PO4 H . 16.76 -9.40 1.75
O3 PO4 H . 17.53 -8.96 -0.63
O4 PO4 H . 18.11 -7.40 1.19
P PO4 I . 19.81 23.23 -21.28
O1 PO4 I . 19.13 24.00 -22.38
O2 PO4 I . 19.00 21.96 -21.09
O3 PO4 I . 21.18 22.82 -21.70
O4 PO4 I . 19.99 24.15 -20.08
P PO4 J . 19.75 2.13 8.26
O1 PO4 J . 19.41 2.23 6.79
O2 PO4 J . 18.69 2.84 9.06
O3 PO4 J . 19.80 0.67 8.65
O4 PO4 J . 21.10 2.77 8.54
#